data_6CKX
#
_entry.id   6CKX
#
_cell.length_a   96.596
_cell.length_b   107.530
_cell.length_c   138.324
_cell.angle_alpha   90.00
_cell.angle_beta   90.00
_cell.angle_gamma   90.00
#
_symmetry.space_group_name_H-M   'P 21 21 21'
#
loop_
_entity.id
_entity.type
_entity.pdbx_description
1 polymer 'Cyclin-dependent kinase 12'
2 polymer Cyclin-K
3 non-polymer 'MAGNESIUM ION'
4 non-polymer N-[4-(1-methyl-1H-pyrazol-4-yl)phenyl]-N-{trans-4-[(quinazolin-2-yl)amino]cyclohexyl}acetamide
5 water water
#
loop_
_entity_poly.entity_id
_entity_poly.type
_entity_poly.pdbx_seq_one_letter_code
_entity_poly.pdbx_strand_id
1 'polypeptide(L)'
;GQTESDWGKRCVDKFDIIGIIGEGTYGQVYKAKDKDTGELVALKKVRLDNEKEGFPITAIREIKILRQLIHRSVVNMKEI
VTDKQDALDFKKDKGAFYLVFEYMDHDLMGLLESGLVHFSEDHIKSFMKQLMEGLEYCHKKNFLHRDIKCSNILLNNSGQ
IKLADFGLARLYNSEESRPY(TPO)NKVITLWYRPPELLLGEERYTPAIDVWSCGCILGELFTKKPIFQANLELAQLELI
SRLCGSPCPAVWPDVIKLPYFNTMKPKKQYRRRLREEFSFIPSAALDLLDHMLTLDPSKRCTAEQTLQSDFLKDVELSKM
APPDLPHWQDCHELWSKKRRRQRQSGVVVEEPPPS
;
A,C
2 'polypeptide(L)'
;GMKENKENSSPSVTSANLDHTKPCWYWDKKDLAHTPSQLEGLDPATEARYRREGARFIFDVGTRLGLHYDTLATGIIYFH
RFYMFHSFKQFPRYVTGACCLFLAGKVEETPKKCKDIIKTARSLLNDVQFGQFGDDPKEEVMVLERILLQTIKFDLQVEH
PYQFLLKYAKQLKGDKNKIQKLVQMAWTFVNDSLCTTLSLQWEPEIIAVAVMYLAGRLCKFEIQEWTSKPMYRRWWEQFV
QDVPVDVLEDICHQILDLYSQGKQQMPH
;
B,D
#
loop_
_chem_comp.id
_chem_comp.type
_chem_comp.name
_chem_comp.formula
8M1 non-polymer N-[4-(1-methyl-1H-pyrazol-4-yl)phenyl]-N-{trans-4-[(quinazolin-2-yl)amino]cyclohexyl}acetamide 'C26 H28 N6 O'
MG non-polymer 'MAGNESIUM ION' 'Mg 2'
#
# COMPACT_ATOMS: atom_id res chain seq x y z
N ARG A 10 20.43 14.27 -22.84
CA ARG A 10 19.30 14.99 -22.15
C ARG A 10 19.76 15.50 -20.78
N CYS A 11 19.05 16.46 -20.20
CA CYS A 11 19.46 17.09 -18.92
C CYS A 11 18.50 16.76 -17.77
N VAL A 12 18.97 16.97 -16.54
CA VAL A 12 18.20 16.65 -15.33
C VAL A 12 17.14 17.73 -15.00
N ASP A 13 17.26 18.91 -15.62
CA ASP A 13 16.18 19.90 -15.58
C ASP A 13 14.92 19.38 -16.28
N LYS A 14 15.07 18.38 -17.17
CA LYS A 14 13.96 17.67 -17.82
C LYS A 14 13.09 16.86 -16.83
N PHE A 15 13.50 16.79 -15.57
CA PHE A 15 12.75 16.11 -14.50
C PHE A 15 12.39 17.05 -13.34
N ASP A 16 11.31 16.75 -12.65
CA ASP A 16 10.90 17.48 -11.45
C ASP A 16 11.32 16.66 -10.24
N ILE A 17 12.28 17.15 -9.44
CA ILE A 17 12.75 16.40 -8.25
C ILE A 17 11.76 16.57 -7.10
N ILE A 18 11.41 15.46 -6.44
CA ILE A 18 10.42 15.44 -5.38
C ILE A 18 11.03 15.19 -3.99
N GLY A 19 12.03 14.30 -3.90
CA GLY A 19 12.69 14.02 -2.63
C GLY A 19 13.67 12.86 -2.72
N ILE A 20 14.29 12.53 -1.60
CA ILE A 20 15.36 11.52 -1.52
C ILE A 20 14.75 10.17 -1.11
N ILE A 21 15.02 9.13 -1.89
CA ILE A 21 14.44 7.79 -1.64
C ILE A 21 15.47 6.68 -1.58
N GLY A 22 16.68 7.01 -1.11
CA GLY A 22 17.74 6.03 -0.96
C GLY A 22 19.11 6.68 -0.83
N GLU A 23 20.06 5.91 -0.33
CA GLU A 23 21.47 6.23 -0.47
C GLU A 23 22.01 5.13 -1.38
N GLY A 24 22.59 5.53 -2.49
CA GLY A 24 23.31 4.60 -3.34
C GLY A 24 24.77 4.76 -3.01
N THR A 25 25.60 3.96 -3.65
CA THR A 25 27.01 3.90 -3.32
C THR A 25 27.80 5.17 -3.72
N TYR A 26 27.38 5.88 -4.78
CA TYR A 26 28.08 7.12 -5.24
C TYR A 26 27.22 8.38 -5.22
N GLY A 27 26.03 8.25 -4.66
CA GLY A 27 25.16 9.40 -4.46
C GLY A 27 23.81 8.94 -3.98
N GLN A 28 22.94 9.90 -3.72
CA GLN A 28 21.58 9.57 -3.34
C GLN A 28 20.77 9.09 -4.53
N VAL A 29 19.70 8.37 -4.23
CA VAL A 29 18.66 8.14 -5.22
C VAL A 29 17.56 9.16 -4.95
N TYR A 30 16.87 9.59 -6.01
CA TYR A 30 15.84 10.63 -5.92
C TYR A 30 14.58 10.17 -6.65
N LYS A 31 13.43 10.62 -6.15
CA LYS A 31 12.14 10.38 -6.80
C LYS A 31 11.84 11.62 -7.65
N ALA A 32 11.24 11.42 -8.82
CA ALA A 32 11.00 12.53 -9.74
C ALA A 32 9.93 12.27 -10.81
N LYS A 33 9.48 13.38 -11.41
CA LYS A 33 8.44 13.39 -12.44
C LYS A 33 9.03 13.83 -13.76
N ASP A 34 8.83 13.03 -14.80
CA ASP A 34 9.23 13.40 -16.14
C ASP A 34 8.29 14.45 -16.67
N LYS A 35 8.83 15.58 -17.09
CA LYS A 35 8.01 16.70 -17.49
C LYS A 35 7.31 16.51 -18.83
N ASP A 36 7.86 15.68 -19.71
CA ASP A 36 7.25 15.44 -21.02
C ASP A 36 6.09 14.44 -20.89
N THR A 37 6.30 13.38 -20.11
CA THR A 37 5.37 12.25 -20.04
C THR A 37 4.56 12.14 -18.74
N GLY A 38 5.01 12.79 -17.68
CA GLY A 38 4.34 12.73 -16.37
C GLY A 38 4.75 11.57 -15.49
N GLU A 39 5.36 10.53 -16.07
CA GLU A 39 5.71 9.34 -15.31
C GLU A 39 6.64 9.61 -14.13
N LEU A 40 6.49 8.81 -13.08
CA LEU A 40 7.36 8.86 -11.92
C LEU A 40 8.58 7.99 -12.16
N VAL A 41 9.75 8.47 -11.74
CA VAL A 41 11.01 7.75 -11.96
C VAL A 41 11.91 7.87 -10.74
N ALA A 42 12.89 6.97 -10.63
CA ALA A 42 13.98 7.08 -9.66
C ALA A 42 15.24 7.52 -10.38
N LEU A 43 16.04 8.37 -9.74
CA LEU A 43 17.29 8.87 -10.32
C LEU A 43 18.46 8.51 -9.42
N LYS A 44 19.29 7.55 -9.83
CA LYS A 44 20.53 7.28 -9.07
C LYS A 44 21.60 8.28 -9.44
N LYS A 45 21.95 9.15 -8.52
CA LYS A 45 23.04 10.09 -8.74
C LYS A 45 24.36 9.34 -8.74
N VAL A 46 25.27 9.82 -9.58
CA VAL A 46 26.67 9.40 -9.59
C VAL A 46 27.58 10.64 -9.51
N ARG A 47 28.16 10.90 -8.35
CA ARG A 47 28.97 12.10 -8.12
C ARG A 47 30.33 11.88 -8.72
N LEU A 48 30.91 12.95 -9.26
CA LEU A 48 32.22 12.92 -9.92
C LEU A 48 33.20 13.86 -9.26
N ASP A 49 32.81 15.13 -9.13
CA ASP A 49 33.60 16.18 -8.47
C ASP A 49 33.95 15.70 -7.07
N ASN A 50 35.22 15.86 -6.69
CA ASN A 50 35.82 15.12 -5.57
C ASN A 50 35.94 13.61 -5.89
N GLU A 51 36.42 13.31 -7.09
CA GLU A 51 36.93 11.98 -7.45
C GLU A 51 38.35 12.09 -7.99
N LYS A 52 39.12 11.02 -7.73
CA LYS A 52 40.56 11.00 -7.95
C LYS A 52 40.91 10.25 -9.23
N GLU A 53 40.13 9.22 -9.56
CA GLU A 53 40.27 8.47 -10.83
C GLU A 53 38.98 8.56 -11.69
N GLY A 54 38.44 9.76 -11.83
CA GLY A 54 37.40 10.06 -12.82
C GLY A 54 36.08 9.38 -12.53
N PHE A 55 35.25 9.25 -13.55
CA PHE A 55 33.98 8.53 -13.41
C PHE A 55 34.27 7.18 -12.78
N PRO A 56 33.61 6.88 -11.66
CA PRO A 56 33.88 5.68 -10.90
C PRO A 56 33.84 4.41 -11.75
N ILE A 57 34.96 3.72 -11.79
CA ILE A 57 35.02 2.42 -12.40
C ILE A 57 33.90 1.47 -11.93
N THR A 58 33.40 1.62 -10.72
CA THR A 58 32.43 0.63 -10.28
C THR A 58 31.11 0.97 -10.98
N ALA A 59 30.88 2.26 -11.24
CA ALA A 59 29.66 2.71 -11.89
C ALA A 59 29.66 2.28 -13.35
N ILE A 60 30.82 2.44 -14.00
CA ILE A 60 31.02 1.95 -15.34
C ILE A 60 30.66 0.47 -15.42
N ARG A 61 31.12 -0.30 -14.44
CA ARG A 61 30.84 -1.73 -14.38
C ARG A 61 29.32 -1.97 -14.22
N GLU A 62 28.68 -1.21 -13.35
CA GLU A 62 27.26 -1.39 -13.11
C GLU A 62 26.47 -1.10 -14.39
N ILE A 63 26.89 -0.07 -15.11
CA ILE A 63 26.17 0.39 -16.28
C ILE A 63 26.26 -0.58 -17.46
N LYS A 64 27.44 -1.13 -17.75
CA LYS A 64 27.59 -2.16 -18.79
C LYS A 64 26.64 -3.32 -18.51
N ILE A 65 26.53 -3.69 -17.25
CA ILE A 65 25.71 -4.83 -16.90
C ILE A 65 24.24 -4.46 -17.07
N LEU A 66 23.83 -3.34 -16.50
CA LEU A 66 22.44 -2.91 -16.65
C LEU A 66 22.02 -2.83 -18.09
N ARG A 67 22.88 -2.35 -18.98
CA ARG A 67 22.48 -2.18 -20.37
C ARG A 67 22.20 -3.50 -21.07
N GLN A 68 22.71 -4.58 -20.53
CA GLN A 68 22.48 -5.88 -21.12
C GLN A 68 21.22 -6.55 -20.57
N LEU A 69 20.67 -6.01 -19.47
CA LEU A 69 19.57 -6.67 -18.75
C LEU A 69 18.20 -6.16 -19.15
N ILE A 70 17.47 -7.02 -19.82
CA ILE A 70 16.15 -6.72 -20.35
C ILE A 70 15.19 -7.82 -19.88
N HIS A 71 14.70 -7.68 -18.65
CA HIS A 71 13.78 -8.65 -18.10
C HIS A 71 12.77 -7.97 -17.19
N ARG A 72 11.55 -8.46 -17.24
CA ARG A 72 10.42 -7.89 -16.54
C ARG A 72 10.62 -7.77 -15.02
N SER A 73 11.35 -8.72 -14.46
CA SER A 73 11.60 -8.81 -13.01
C SER A 73 13.00 -8.33 -12.63
N VAL A 74 13.66 -7.66 -13.58
CA VAL A 74 14.94 -7.02 -13.32
C VAL A 74 14.84 -5.56 -13.67
N VAL A 75 15.37 -4.73 -12.79
CA VAL A 75 15.46 -3.29 -13.00
C VAL A 75 15.96 -2.98 -14.42
N ASN A 76 15.33 -1.99 -15.07
CA ASN A 76 15.67 -1.59 -16.43
C ASN A 76 15.92 -0.09 -16.50
N MET A 77 17.12 0.25 -16.99
CA MET A 77 17.59 1.63 -16.93
C MET A 77 17.10 2.33 -18.19
N LYS A 78 16.33 3.39 -18.04
CA LYS A 78 15.71 4.02 -19.18
C LYS A 78 16.71 4.88 -19.94
N GLU A 79 17.42 5.73 -19.23
CA GLU A 79 18.48 6.53 -19.81
C GLU A 79 19.38 7.07 -18.72
N ILE A 80 20.41 7.77 -19.14
CA ILE A 80 21.28 8.47 -18.24
C ILE A 80 21.20 9.92 -18.57
N VAL A 81 21.21 10.79 -17.58
CA VAL A 81 21.16 12.23 -17.84
C VAL A 81 22.21 12.94 -16.99
N THR A 82 22.30 14.26 -17.13
CA THR A 82 23.41 15.04 -16.58
C THR A 82 22.96 16.39 -15.99
N ASP A 83 23.85 17.04 -15.23
CA ASP A 83 23.56 18.37 -14.63
C ASP A 83 23.63 19.49 -15.65
N LYS A 84 23.20 20.70 -15.22
CA LYS A 84 23.06 21.89 -16.09
C LYS A 84 24.04 21.93 -17.26
N GLY A 95 29.18 18.64 -10.90
CA GLY A 95 28.51 18.06 -12.07
C GLY A 95 28.46 16.54 -12.03
N ALA A 96 27.27 16.00 -11.79
CA ALA A 96 27.05 14.57 -11.74
C ALA A 96 26.18 14.08 -12.90
N PHE A 97 26.05 12.76 -12.95
CA PHE A 97 25.13 12.08 -13.85
C PHE A 97 24.07 11.36 -13.03
N TYR A 98 22.92 11.12 -13.65
CA TYR A 98 21.82 10.40 -13.02
C TYR A 98 21.35 9.23 -13.88
N LEU A 99 21.30 8.06 -13.29
CA LEU A 99 20.78 6.91 -13.99
C LEU A 99 19.28 6.96 -13.77
N VAL A 100 18.54 6.75 -14.85
CA VAL A 100 17.09 6.90 -14.80
C VAL A 100 16.42 5.55 -14.86
N PHE A 101 15.59 5.27 -13.85
CA PHE A 101 14.73 4.06 -13.78
C PHE A 101 13.25 4.37 -13.56
N GLU A 102 12.39 3.45 -14.00
CA GLU A 102 10.95 3.51 -13.72
C GLU A 102 10.74 3.34 -12.20
N TYR A 103 9.92 4.20 -11.59
CA TYR A 103 9.77 4.24 -10.12
C TYR A 103 8.95 3.06 -9.54
N MET A 104 9.36 2.61 -8.34
CA MET A 104 8.79 1.45 -7.66
C MET A 104 8.42 1.84 -6.24
N ASP A 105 7.23 1.45 -5.79
CA ASP A 105 6.63 2.06 -4.60
C ASP A 105 7.39 1.77 -3.30
N HIS A 106 7.84 0.52 -3.14
CA HIS A 106 8.51 0.08 -1.90
C HIS A 106 9.76 -0.72 -2.24
N ASP A 107 10.66 -0.90 -1.27
CA ASP A 107 11.59 -2.06 -1.31
C ASP A 107 11.08 -3.11 -0.32
N LEU A 108 11.58 -4.34 -0.41
CA LEU A 108 11.07 -5.39 0.45
C LEU A 108 11.36 -5.16 1.93
N MET A 109 12.56 -4.69 2.25
CA MET A 109 12.91 -4.39 3.64
C MET A 109 11.93 -3.39 4.29
N GLY A 110 11.42 -2.43 3.51
CA GLY A 110 10.52 -1.40 4.01
C GLY A 110 9.16 -1.92 4.42
N LEU A 111 8.57 -2.82 3.65
CA LEU A 111 7.27 -3.43 3.99
C LEU A 111 7.33 -4.28 5.25
N LEU A 112 8.40 -5.07 5.35
CA LEU A 112 8.55 -5.99 6.46
C LEU A 112 8.80 -5.29 7.78
N GLU A 113 9.57 -4.19 7.72
CA GLU A 113 10.01 -3.51 8.92
C GLU A 113 8.89 -2.79 9.64
N SER A 114 7.93 -2.24 8.90
CA SER A 114 6.79 -1.64 9.57
C SER A 114 6.16 -2.73 10.43
N GLY A 115 5.99 -3.93 9.87
CA GLY A 115 5.07 -4.88 10.51
C GLY A 115 3.72 -4.26 10.21
N LEU A 116 2.62 -4.93 10.50
CA LEU A 116 1.32 -4.53 9.91
C LEU A 116 1.23 -5.05 8.47
N VAL A 117 2.25 -5.78 7.98
CA VAL A 117 2.19 -6.47 6.68
C VAL A 117 2.48 -7.96 6.81
N HIS A 118 1.47 -8.78 6.51
CA HIS A 118 1.62 -10.24 6.40
C HIS A 118 1.55 -10.60 4.91
N PHE A 119 2.38 -11.53 4.48
CA PHE A 119 2.31 -12.04 3.13
C PHE A 119 1.69 -13.45 3.18
N SER A 120 0.61 -13.61 2.43
CA SER A 120 -0.02 -14.92 2.28
C SER A 120 0.92 -15.92 1.61
N GLU A 121 0.56 -17.20 1.71
CA GLU A 121 1.22 -18.24 0.94
C GLU A 121 1.27 -17.84 -0.55
N ASP A 122 0.18 -17.30 -1.08
CA ASP A 122 0.12 -16.94 -2.50
C ASP A 122 0.87 -15.65 -2.87
N HIS A 123 0.96 -14.69 -1.93
CA HIS A 123 1.75 -13.47 -2.16
C HIS A 123 3.20 -13.90 -2.33
N ILE A 124 3.64 -14.77 -1.44
CA ILE A 124 5.02 -15.27 -1.45
C ILE A 124 5.29 -16.10 -2.71
N LYS A 125 4.36 -17.00 -3.06
CA LYS A 125 4.46 -17.77 -4.31
C LYS A 125 4.78 -16.90 -5.50
N SER A 126 3.92 -15.91 -5.72
CA SER A 126 4.06 -14.93 -6.78
C SER A 126 5.39 -14.20 -6.71
N PHE A 127 5.69 -13.66 -5.52
CA PHE A 127 6.89 -12.90 -5.26
C PHE A 127 8.17 -13.70 -5.59
N MET A 128 8.22 -14.97 -5.17
CA MET A 128 9.41 -15.82 -5.43
C MET A 128 9.53 -16.30 -6.89
N LYS A 129 8.41 -16.54 -7.55
CA LYS A 129 8.46 -16.94 -8.96
C LYS A 129 9.14 -15.81 -9.75
N GLN A 130 8.67 -14.60 -9.51
CA GLN A 130 9.27 -13.40 -10.11
C GLN A 130 10.77 -13.27 -9.81
N LEU A 131 11.13 -13.28 -8.53
CA LEU A 131 12.52 -13.17 -8.16
C LEU A 131 13.39 -14.23 -8.83
N MET A 132 12.97 -15.49 -8.78
CA MET A 132 13.76 -16.59 -9.33
C MET A 132 13.84 -16.57 -10.86
N GLU A 133 12.79 -16.08 -11.54
CA GLU A 133 12.87 -15.90 -12.97
C GLU A 133 13.81 -14.76 -13.30
N GLY A 134 13.78 -13.71 -12.49
CA GLY A 134 14.75 -12.62 -12.54
C GLY A 134 16.15 -13.16 -12.45
N LEU A 135 16.41 -13.90 -11.37
CA LEU A 135 17.75 -14.46 -11.13
C LEU A 135 18.19 -15.48 -12.18
N GLU A 136 17.29 -16.32 -12.67
CA GLU A 136 17.66 -17.28 -13.71
C GLU A 136 18.08 -16.60 -15.02
N TYR A 137 17.39 -15.54 -15.38
CA TYR A 137 17.78 -14.72 -16.53
C TYR A 137 19.19 -14.17 -16.37
N CYS A 138 19.49 -13.59 -15.20
CA CYS A 138 20.81 -13.09 -14.94
C CYS A 138 21.86 -14.20 -15.05
N HIS A 139 21.63 -15.29 -14.34
CA HIS A 139 22.57 -16.40 -14.38
C HIS A 139 22.74 -16.99 -15.78
N LYS A 140 21.66 -17.19 -16.54
CA LYS A 140 21.77 -17.68 -17.94
C LYS A 140 22.66 -16.78 -18.79
N LYS A 141 22.74 -15.50 -18.45
CA LYS A 141 23.53 -14.55 -19.19
C LYS A 141 24.87 -14.24 -18.49
N ASN A 142 25.31 -15.19 -17.66
CA ASN A 142 26.61 -15.15 -16.95
C ASN A 142 26.91 -13.99 -15.98
N PHE A 143 25.88 -13.51 -15.29
CA PHE A 143 26.11 -12.50 -14.28
C PHE A 143 25.77 -13.07 -12.91
N LEU A 144 26.62 -12.71 -11.94
CA LEU A 144 26.35 -12.95 -10.55
C LEU A 144 25.93 -11.61 -10.00
N HIS A 145 24.85 -11.60 -9.22
CA HIS A 145 24.38 -10.38 -8.59
C HIS A 145 25.26 -10.03 -7.39
N ARG A 146 25.48 -10.99 -6.51
CA ARG A 146 26.46 -10.84 -5.41
C ARG A 146 26.11 -9.79 -4.37
N ASP A 147 24.89 -9.26 -4.39
CA ASP A 147 24.39 -8.37 -3.31
C ASP A 147 22.88 -8.42 -3.05
N ILE A 148 22.29 -9.59 -3.24
CA ILE A 148 20.88 -9.78 -2.94
C ILE A 148 20.61 -9.61 -1.44
N LYS A 149 19.45 -9.03 -1.12
CA LYS A 149 19.01 -8.77 0.23
C LYS A 149 17.72 -7.99 0.14
N CYS A 150 16.93 -7.94 1.21
CA CYS A 150 15.60 -7.34 1.16
C CYS A 150 15.54 -5.91 0.62
N SER A 151 16.50 -5.07 1.01
CA SER A 151 16.56 -3.69 0.52
C SER A 151 16.94 -3.55 -0.99
N ASN A 152 17.42 -4.61 -1.63
CA ASN A 152 17.67 -4.57 -3.07
C ASN A 152 16.64 -5.34 -3.88
N ILE A 153 15.47 -5.54 -3.28
CA ILE A 153 14.32 -6.04 -4.02
C ILE A 153 13.21 -5.02 -3.93
N LEU A 154 12.77 -4.58 -5.09
CA LEU A 154 11.81 -3.52 -5.22
C LEU A 154 10.50 -4.15 -5.61
N LEU A 155 9.43 -3.46 -5.25
CA LEU A 155 8.13 -4.04 -5.29
C LEU A 155 7.13 -2.91 -5.34
N ASN A 156 6.29 -2.88 -6.36
CA ASN A 156 5.24 -1.85 -6.41
C ASN A 156 3.87 -2.44 -6.03
N ASN A 157 2.83 -1.63 -6.07
CA ASN A 157 1.51 -2.03 -5.59
C ASN A 157 0.73 -2.92 -6.56
N SER A 158 1.13 -2.97 -7.83
CA SER A 158 0.56 -3.93 -8.77
C SER A 158 0.94 -5.37 -8.38
N GLY A 159 1.84 -5.50 -7.41
CA GLY A 159 2.28 -6.80 -6.93
C GLY A 159 3.53 -7.28 -7.67
N GLN A 160 4.10 -6.37 -8.45
CA GLN A 160 5.19 -6.69 -9.34
C GLN A 160 6.53 -6.37 -8.70
N ILE A 161 7.48 -7.27 -8.95
CA ILE A 161 8.78 -7.34 -8.32
C ILE A 161 9.84 -6.95 -9.33
N LYS A 162 10.88 -6.28 -8.85
CA LYS A 162 12.08 -6.03 -9.66
C LYS A 162 13.32 -6.19 -8.81
N LEU A 163 14.29 -6.94 -9.32
CA LEU A 163 15.54 -7.15 -8.62
C LEU A 163 16.48 -6.01 -9.00
N ALA A 164 17.16 -5.45 -8.02
CA ALA A 164 17.85 -4.17 -8.18
C ALA A 164 19.26 -4.13 -7.58
N ASP A 165 19.91 -2.97 -7.64
CA ASP A 165 21.29 -2.76 -7.18
C ASP A 165 22.29 -3.79 -7.71
N PHE A 166 22.75 -3.58 -8.93
CA PHE A 166 23.80 -4.43 -9.51
C PHE A 166 25.17 -3.83 -9.32
N GLY A 167 25.34 -3.06 -8.25
CA GLY A 167 26.60 -2.38 -7.96
C GLY A 167 27.77 -3.27 -7.53
N LEU A 168 27.51 -4.54 -7.22
CA LEU A 168 28.55 -5.54 -6.95
C LEU A 168 28.55 -6.70 -7.96
N ALA A 169 27.67 -6.65 -8.95
CA ALA A 169 27.63 -7.70 -9.95
C ALA A 169 28.91 -7.78 -10.84
N ARG A 170 29.03 -8.88 -11.58
CA ARG A 170 30.17 -9.13 -12.47
C ARG A 170 29.95 -10.36 -13.35
N LEU A 171 30.65 -10.38 -14.48
CA LEU A 171 30.61 -11.50 -15.38
C LEU A 171 31.36 -12.63 -14.72
N TYR A 172 30.83 -13.86 -14.80
CA TYR A 172 31.55 -15.06 -14.33
C TYR A 172 31.64 -16.05 -15.47
N ASN A 173 32.57 -16.98 -15.35
CA ASN A 173 32.92 -17.89 -16.43
C ASN A 173 32.36 -19.29 -16.15
N SER A 174 31.48 -19.79 -17.01
CA SER A 174 30.90 -21.15 -16.85
C SER A 174 31.64 -22.27 -17.65
N GLU A 175 32.37 -21.93 -18.70
CA GLU A 175 33.14 -22.94 -19.46
C GLU A 175 34.33 -23.52 -18.64
N GLU A 176 34.77 -22.78 -17.62
CA GLU A 176 35.81 -23.22 -16.67
C GLU A 176 35.58 -22.46 -15.34
N SER A 177 36.45 -22.64 -14.33
CA SER A 177 36.27 -21.90 -13.06
C SER A 177 37.37 -20.82 -12.84
N ARG A 178 36.99 -19.70 -12.22
CA ARG A 178 37.93 -18.58 -11.97
C ARG A 178 37.74 -18.01 -10.54
N PRO A 179 38.78 -17.30 -10.01
CA PRO A 179 38.77 -16.71 -8.66
C PRO A 179 38.20 -15.30 -8.59
N TYR A 180 37.16 -15.14 -7.78
CA TYR A 180 36.53 -13.85 -7.62
C TYR A 180 36.70 -13.31 -6.21
N TPO A 181 36.27 -12.07 -6.01
CA TPO A 181 36.38 -11.39 -4.71
CB TPO A 181 35.88 -9.97 -4.89
CG2 TPO A 181 36.05 -9.11 -3.65
OG1 TPO A 181 36.59 -9.41 -6.00
P TPO A 181 35.87 -8.83 -7.34
O1P TPO A 181 35.16 -10.01 -8.00
O2P TPO A 181 36.99 -8.22 -8.16
O3P TPO A 181 34.94 -7.82 -6.66
C TPO A 181 35.55 -12.09 -3.67
O TPO A 181 34.39 -12.44 -3.91
N ASN A 182 36.14 -12.29 -2.49
CA ASN A 182 35.49 -13.11 -1.47
C ASN A 182 34.51 -12.33 -0.60
N LYS A 183 34.89 -11.12 -0.18
CA LYS A 183 34.02 -10.28 0.65
C LYS A 183 32.94 -9.68 -0.26
N VAL A 184 31.84 -10.42 -0.39
CA VAL A 184 30.65 -9.96 -1.13
C VAL A 184 29.40 -10.48 -0.45
N ILE A 185 28.27 -9.87 -0.78
CA ILE A 185 26.98 -10.11 -0.12
C ILE A 185 27.06 -9.65 1.33
N THR A 186 26.07 -8.89 1.81
CA THR A 186 26.13 -8.46 3.19
C THR A 186 26.00 -9.67 4.09
N LEU A 187 26.64 -9.56 5.23
CA LEU A 187 26.72 -10.65 6.20
C LEU A 187 25.49 -11.54 6.27
N TRP A 188 24.32 -10.96 6.54
CA TRP A 188 23.12 -11.73 6.85
C TRP A 188 22.57 -12.61 5.70
N TYR A 189 22.98 -12.33 4.47
CA TYR A 189 22.51 -13.13 3.33
C TYR A 189 23.68 -13.84 2.68
N ARG A 190 24.82 -13.82 3.36
CA ARG A 190 26.04 -14.45 2.84
C ARG A 190 26.08 -15.94 3.10
N PRO A 191 26.38 -16.76 2.07
CA PRO A 191 26.37 -18.18 2.24
C PRO A 191 27.64 -18.63 2.93
N PRO A 192 27.68 -19.89 3.39
CA PRO A 192 28.80 -20.36 4.16
C PRO A 192 30.10 -20.54 3.34
N GLU A 193 30.02 -20.87 2.07
CA GLU A 193 31.27 -21.01 1.31
C GLU A 193 32.11 -19.72 1.35
N LEU A 194 31.44 -18.57 1.29
CA LEU A 194 32.14 -17.30 1.35
C LEU A 194 32.60 -17.00 2.77
N LEU A 195 31.82 -17.37 3.77
CA LEU A 195 32.27 -17.19 5.15
C LEU A 195 33.57 -17.92 5.39
N LEU A 196 33.69 -19.13 4.84
CA LEU A 196 34.87 -19.96 5.01
C LEU A 196 35.99 -19.66 4.02
N GLY A 197 35.82 -18.64 3.17
CA GLY A 197 36.96 -18.09 2.41
C GLY A 197 37.11 -18.43 0.93
N GLU A 198 36.13 -19.15 0.35
CA GLU A 198 36.17 -19.56 -1.06
C GLU A 198 36.28 -18.38 -2.00
N GLU A 199 37.07 -18.55 -3.05
CA GLU A 199 37.17 -17.56 -4.13
C GLU A 199 36.65 -18.08 -5.49
N ARG A 200 36.61 -19.40 -5.67
CA ARG A 200 36.18 -20.01 -6.92
C ARG A 200 34.74 -20.47 -6.73
N TYR A 201 33.88 -19.49 -6.50
CA TYR A 201 32.51 -19.76 -6.18
C TYR A 201 31.61 -19.66 -7.40
N THR A 202 30.31 -19.84 -7.17
CA THR A 202 29.39 -20.13 -8.23
C THR A 202 28.12 -19.33 -8.04
N PRO A 203 27.20 -19.39 -9.01
CA PRO A 203 25.91 -18.74 -8.84
C PRO A 203 25.11 -19.21 -7.64
N ALA A 204 25.55 -20.29 -7.00
CA ALA A 204 24.87 -20.77 -5.81
C ALA A 204 24.89 -19.75 -4.70
N ILE A 205 25.80 -18.78 -4.75
CA ILE A 205 25.84 -17.77 -3.71
C ILE A 205 24.58 -16.89 -3.74
N ASP A 206 24.00 -16.69 -4.91
CA ASP A 206 22.84 -15.83 -5.03
C ASP A 206 21.61 -16.60 -4.53
N VAL A 207 21.59 -17.91 -4.76
CA VAL A 207 20.48 -18.76 -4.32
C VAL A 207 20.40 -18.88 -2.78
N TRP A 208 21.55 -18.89 -2.14
CA TRP A 208 21.56 -18.89 -0.68
C TRP A 208 20.89 -17.64 -0.17
N SER A 209 21.25 -16.50 -0.75
CA SER A 209 20.67 -15.22 -0.33
C SER A 209 19.14 -15.20 -0.54
N CYS A 210 18.68 -15.73 -1.68
CA CYS A 210 17.25 -15.82 -1.98
C CYS A 210 16.54 -16.83 -1.05
N GLY A 211 17.27 -17.85 -0.63
CA GLY A 211 16.77 -18.79 0.35
C GLY A 211 16.52 -18.07 1.63
N CYS A 212 17.41 -17.14 1.98
CA CYS A 212 17.25 -16.33 3.20
C CYS A 212 16.03 -15.43 3.12
N ILE A 213 15.75 -14.92 1.93
CA ILE A 213 14.57 -14.10 1.71
C ILE A 213 13.36 -14.94 2.00
N LEU A 214 13.32 -16.13 1.42
CA LEU A 214 12.14 -16.99 1.56
C LEU A 214 11.82 -17.24 3.03
N GLY A 215 12.84 -17.50 3.83
CA GLY A 215 12.65 -17.68 5.26
C GLY A 215 12.14 -16.41 5.92
N GLU A 216 12.80 -15.30 5.63
CA GLU A 216 12.42 -14.01 6.20
C GLU A 216 11.02 -13.56 5.77
N LEU A 217 10.51 -14.02 4.63
CA LEU A 217 9.11 -13.77 4.24
C LEU A 217 8.08 -14.43 5.15
N PHE A 218 8.45 -15.54 5.77
CA PHE A 218 7.57 -16.25 6.64
C PHE A 218 7.73 -15.82 8.11
N THR A 219 8.86 -15.20 8.46
CA THR A 219 9.08 -14.79 9.85
C THR A 219 9.10 -13.26 10.07
N LYS A 220 9.46 -12.51 9.04
CA LYS A 220 9.57 -11.01 9.07
C LYS A 220 10.92 -10.57 9.62
N LYS A 221 11.44 -11.30 10.60
CA LYS A 221 12.82 -11.17 11.00
C LYS A 221 13.79 -11.86 10.01
N PRO A 222 14.87 -11.19 9.62
CA PRO A 222 15.92 -11.89 8.85
C PRO A 222 16.51 -13.05 9.64
N ILE A 223 16.71 -14.18 9.01
CA ILE A 223 16.88 -15.44 9.76
C ILE A 223 18.28 -15.68 10.39
N PHE A 224 19.31 -15.06 9.84
CA PHE A 224 20.65 -15.13 10.44
C PHE A 224 21.16 -13.71 10.63
N GLN A 225 21.20 -13.22 11.85
CA GLN A 225 21.53 -11.80 12.08
C GLN A 225 22.72 -11.57 12.98
N ALA A 226 23.87 -12.12 12.65
CA ALA A 226 25.04 -11.80 13.45
C ALA A 226 25.75 -10.59 12.87
N ASN A 227 26.69 -10.05 13.65
CA ASN A 227 27.49 -8.87 13.32
C ASN A 227 28.95 -9.20 12.91
N LEU A 228 29.45 -10.37 13.33
CA LEU A 228 30.73 -10.91 12.82
C LEU A 228 30.54 -12.22 12.04
N GLU A 229 31.54 -12.57 11.24
CA GLU A 229 31.49 -13.78 10.44
C GLU A 229 31.43 -15.03 11.30
N LEU A 230 32.28 -15.08 12.32
CA LEU A 230 32.34 -16.25 13.16
C LEU A 230 30.98 -16.54 13.78
N ALA A 231 30.29 -15.48 14.19
CA ALA A 231 29.02 -15.62 14.86
C ALA A 231 27.95 -15.96 13.84
N GLN A 232 28.13 -15.44 12.63
CA GLN A 232 27.22 -15.77 11.54
C GLN A 232 27.29 -17.25 11.20
N LEU A 233 28.51 -17.79 11.19
CA LEU A 233 28.71 -19.20 10.91
C LEU A 233 28.03 -20.07 11.96
N GLU A 234 28.17 -19.67 13.22
CA GLU A 234 27.50 -20.31 14.33
C GLU A 234 26.01 -20.36 14.09
N LEU A 235 25.41 -19.21 13.74
CA LEU A 235 23.96 -19.15 13.56
C LEU A 235 23.48 -20.06 12.42
N ILE A 236 24.25 -20.11 11.34
CA ILE A 236 23.90 -20.95 10.21
C ILE A 236 24.03 -22.44 10.54
N SER A 237 25.10 -22.76 11.27
CA SER A 237 25.37 -24.14 11.62
C SER A 237 24.25 -24.67 12.50
N ARG A 238 23.94 -23.89 13.52
CA ARG A 238 22.93 -24.22 14.51
C ARG A 238 21.58 -24.57 13.89
N LEU A 239 21.31 -24.09 12.68
CA LEU A 239 20.08 -24.40 11.96
C LEU A 239 20.26 -25.40 10.83
N CYS A 240 21.28 -25.15 9.99
CA CYS A 240 21.51 -25.94 8.79
C CYS A 240 22.45 -27.12 9.00
N GLY A 241 22.96 -27.27 10.22
CA GLY A 241 23.98 -28.27 10.50
C GLY A 241 25.35 -27.63 10.40
N SER A 242 26.30 -28.15 11.20
CA SER A 242 27.70 -27.68 11.14
C SER A 242 28.23 -28.20 9.83
N PRO A 243 28.98 -27.39 9.08
CA PRO A 243 29.62 -27.92 7.91
C PRO A 243 30.74 -28.88 8.25
N CYS A 244 30.71 -30.02 7.56
CA CYS A 244 31.63 -31.11 7.77
C CYS A 244 31.66 -31.93 6.50
N PRO A 245 32.73 -32.71 6.29
CA PRO A 245 32.92 -33.39 5.03
C PRO A 245 31.85 -34.44 4.67
N ALA A 246 31.15 -35.00 5.66
CA ALA A 246 30.07 -35.96 5.39
C ALA A 246 28.95 -35.36 4.59
N VAL A 247 28.63 -34.10 4.85
CA VAL A 247 27.58 -33.39 4.11
C VAL A 247 28.11 -32.46 3.01
N TRP A 248 29.43 -32.25 3.00
CA TRP A 248 30.03 -31.30 2.09
C TRP A 248 31.50 -31.64 1.94
N PRO A 249 31.82 -32.70 1.20
CA PRO A 249 33.18 -33.25 1.13
C PRO A 249 34.22 -32.21 0.80
N ASP A 250 33.92 -31.33 -0.13
CA ASP A 250 34.92 -30.35 -0.53
C ASP A 250 35.27 -29.35 0.58
N VAL A 251 34.48 -29.30 1.65
CA VAL A 251 34.62 -28.23 2.63
C VAL A 251 35.99 -28.19 3.25
N ILE A 252 36.67 -29.32 3.35
CA ILE A 252 37.99 -29.35 3.99
C ILE A 252 39.01 -28.60 3.17
N LYS A 253 38.72 -28.38 1.90
CA LYS A 253 39.64 -27.69 1.01
C LYS A 253 39.52 -26.16 1.05
N LEU A 254 38.70 -25.64 1.98
CA LEU A 254 38.55 -24.19 2.10
C LEU A 254 39.54 -23.55 3.11
N PRO A 255 39.93 -22.30 2.86
CA PRO A 255 40.99 -21.70 3.66
C PRO A 255 40.69 -21.62 5.15
N TYR A 256 39.44 -21.40 5.54
CA TYR A 256 39.13 -21.11 6.96
C TYR A 256 38.35 -22.21 7.62
N PHE A 257 38.31 -23.38 7.01
CA PHE A 257 37.59 -24.48 7.63
C PHE A 257 38.23 -24.91 8.96
N ASN A 258 39.53 -24.87 9.09
CA ASN A 258 40.14 -25.14 10.39
C ASN A 258 40.05 -23.97 11.34
N THR A 259 40.19 -22.76 10.81
CA THR A 259 40.20 -21.53 11.59
C THR A 259 38.84 -21.17 12.20
N MET A 260 37.75 -21.44 11.48
CA MET A 260 36.41 -20.94 11.83
C MET A 260 35.46 -22.06 12.08
N LYS A 261 35.27 -22.43 13.32
CA LYS A 261 34.44 -23.57 13.61
C LYS A 261 33.28 -23.11 14.44
N PRO A 262 32.11 -23.76 14.26
CA PRO A 262 31.07 -23.61 15.26
C PRO A 262 31.50 -24.30 16.55
N LYS A 263 30.86 -23.96 17.66
CA LYS A 263 31.22 -24.54 18.97
C LYS A 263 31.09 -26.07 18.93
N LYS A 264 29.87 -26.54 18.73
CA LYS A 264 29.57 -27.94 18.70
C LYS A 264 29.41 -28.36 17.24
N GLN A 265 29.22 -29.65 17.03
CA GLN A 265 29.00 -30.19 15.69
C GLN A 265 27.48 -30.37 15.56
N TYR A 266 26.76 -29.38 15.04
CA TYR A 266 25.29 -29.38 15.14
C TYR A 266 24.59 -30.19 14.05
N ARG A 267 23.43 -30.75 14.40
CA ARG A 267 22.59 -31.50 13.48
C ARG A 267 21.65 -30.55 12.75
N ARG A 268 21.37 -30.87 11.50
CA ARG A 268 20.47 -30.04 10.71
C ARG A 268 19.14 -30.14 11.37
N ARG A 269 18.51 -29.00 11.64
CA ARG A 269 17.18 -28.96 12.25
C ARG A 269 16.30 -27.87 11.63
N LEU A 270 16.53 -27.61 10.35
CA LEU A 270 15.81 -26.59 9.62
C LEU A 270 14.33 -26.89 9.63
N ARG A 271 13.99 -28.15 9.38
CA ARG A 271 12.58 -28.53 9.21
C ARG A 271 11.77 -28.47 10.48
N GLU A 272 12.40 -28.73 11.62
CA GLU A 272 11.67 -28.65 12.89
C GLU A 272 11.49 -27.17 13.28
N GLU A 273 12.49 -26.34 13.00
CA GLU A 273 12.38 -24.89 13.21
C GLU A 273 11.32 -24.20 12.34
N PHE A 274 11.20 -24.63 11.09
CA PHE A 274 10.27 -24.01 10.15
C PHE A 274 9.08 -24.92 9.80
N SER A 275 8.65 -25.78 10.72
CA SER A 275 7.56 -26.71 10.39
C SER A 275 6.20 -26.00 10.34
N PHE A 276 6.12 -24.76 10.81
CA PHE A 276 4.88 -23.94 10.65
C PHE A 276 4.63 -23.50 9.21
N ILE A 277 5.69 -23.37 8.42
CA ILE A 277 5.62 -23.10 6.98
C ILE A 277 4.86 -24.24 6.28
N PRO A 278 4.21 -23.94 5.13
CA PRO A 278 3.57 -25.00 4.28
C PRO A 278 4.61 -26.00 3.79
N SER A 279 4.26 -27.24 3.48
CA SER A 279 5.32 -28.25 3.25
C SER A 279 6.09 -28.03 1.94
N ALA A 280 5.39 -27.67 0.85
CA ALA A 280 6.06 -27.42 -0.45
C ALA A 280 7.13 -26.34 -0.37
N ALA A 281 6.83 -25.30 0.42
CA ALA A 281 7.78 -24.24 0.69
C ALA A 281 8.97 -24.72 1.53
N LEU A 282 8.70 -25.60 2.49
CA LEU A 282 9.74 -26.10 3.37
C LEU A 282 10.76 -26.90 2.56
N ASP A 283 10.29 -27.70 1.60
CA ASP A 283 11.17 -28.45 0.69
C ASP A 283 12.10 -27.54 -0.12
N LEU A 284 11.52 -26.49 -0.67
CA LEU A 284 12.26 -25.46 -1.39
C LEU A 284 13.27 -24.79 -0.46
N LEU A 285 12.81 -24.38 0.72
CA LEU A 285 13.68 -23.68 1.62
C LEU A 285 14.85 -24.56 2.00
N ASP A 286 14.56 -25.81 2.41
CA ASP A 286 15.60 -26.82 2.73
C ASP A 286 16.66 -26.92 1.60
N HIS A 287 16.18 -27.04 0.37
CA HIS A 287 17.04 -27.16 -0.78
C HIS A 287 17.91 -25.92 -1.02
N MET A 288 17.31 -24.73 -0.91
CA MET A 288 18.04 -23.47 -1.10
C MET A 288 19.09 -23.20 -0.02
N LEU A 289 18.81 -23.60 1.21
CA LEU A 289 19.80 -23.45 2.27
C LEU A 289 20.62 -24.73 2.56
N THR A 290 20.93 -25.49 1.51
CA THR A 290 21.80 -26.62 1.62
C THR A 290 23.25 -26.12 1.67
N LEU A 291 24.04 -26.62 2.59
CA LEU A 291 25.40 -26.11 2.79
C LEU A 291 26.34 -26.28 1.57
N ASP A 292 26.31 -27.45 0.95
CA ASP A 292 27.24 -27.74 -0.15
C ASP A 292 26.70 -27.04 -1.39
N PRO A 293 27.45 -26.07 -1.93
CA PRO A 293 26.97 -25.33 -3.09
C PRO A 293 26.63 -26.22 -4.28
N SER A 294 27.38 -27.29 -4.47
CA SER A 294 27.09 -28.19 -5.57
C SER A 294 25.81 -29.03 -5.33
N LYS A 295 25.29 -29.05 -4.10
CA LYS A 295 24.03 -29.73 -3.78
C LYS A 295 22.84 -28.76 -3.63
N ARG A 296 23.16 -27.48 -3.43
CA ARG A 296 22.17 -26.40 -3.45
C ARG A 296 21.50 -26.37 -4.81
N CYS A 297 20.22 -26.00 -4.85
CA CYS A 297 19.50 -25.99 -6.12
C CYS A 297 19.82 -24.73 -6.91
N THR A 298 19.68 -24.83 -8.22
CA THR A 298 19.88 -23.69 -9.10
C THR A 298 18.60 -22.86 -9.21
N ALA A 299 18.72 -21.64 -9.72
CA ALA A 299 17.52 -20.84 -10.00
C ALA A 299 16.55 -21.58 -10.94
N GLU A 300 17.08 -22.24 -11.98
CA GLU A 300 16.23 -23.03 -12.86
C GLU A 300 15.50 -24.11 -12.06
N GLN A 301 16.20 -24.76 -11.15
CA GLN A 301 15.60 -25.85 -10.42
C GLN A 301 14.44 -25.38 -9.53
N THR A 302 14.64 -24.28 -8.81
CA THR A 302 13.58 -23.74 -7.92
C THR A 302 12.25 -23.61 -8.67
N LEU A 303 12.32 -23.21 -9.94
CA LEU A 303 11.14 -22.91 -10.73
C LEU A 303 10.34 -24.16 -11.13
N GLN A 304 10.92 -25.33 -10.89
CA GLN A 304 10.26 -26.62 -11.08
C GLN A 304 9.83 -27.25 -9.74
N SER A 305 10.21 -26.63 -8.62
CA SER A 305 9.75 -27.08 -7.28
C SER A 305 8.24 -27.08 -7.19
N ASP A 306 7.69 -27.84 -6.25
CA ASP A 306 6.25 -27.89 -6.11
C ASP A 306 5.67 -26.55 -5.64
N PHE A 307 6.45 -25.79 -4.88
CA PHE A 307 6.03 -24.47 -4.38
C PHE A 307 5.81 -23.46 -5.51
N LEU A 308 6.61 -23.55 -6.57
CA LEU A 308 6.62 -22.54 -7.64
C LEU A 308 6.15 -23.00 -9.03
N LYS A 309 6.03 -24.32 -9.20
CA LYS A 309 5.88 -24.98 -10.50
C LYS A 309 4.70 -24.44 -11.30
N ASP A 310 3.61 -24.09 -10.63
CA ASP A 310 2.33 -23.84 -11.33
C ASP A 310 1.78 -22.40 -11.17
N VAL A 311 2.57 -21.54 -10.54
CA VAL A 311 2.12 -20.20 -10.16
C VAL A 311 1.90 -19.33 -11.41
N GLU A 312 0.66 -18.87 -11.64
CA GLU A 312 0.34 -17.99 -12.79
C GLU A 312 1.47 -17.06 -13.19
N PRO B 23 21.86 2.85 -30.06
CA PRO B 23 22.29 3.80 -31.08
C PRO B 23 22.93 3.15 -32.32
N CYS B 24 22.95 3.89 -33.44
CA CYS B 24 23.58 3.45 -34.70
C CYS B 24 24.94 4.14 -34.87
N TRP B 25 26.03 3.37 -34.89
CA TRP B 25 27.37 3.97 -35.01
C TRP B 25 28.03 3.79 -36.37
N TYR B 26 27.21 3.70 -37.43
CA TYR B 26 27.73 3.48 -38.78
C TYR B 26 27.23 4.50 -39.82
N TRP B 27 28.15 4.93 -40.66
CA TRP B 27 27.94 5.96 -41.65
C TRP B 27 28.22 5.44 -43.07
N ASP B 28 27.57 6.02 -44.08
CA ASP B 28 28.02 5.90 -45.48
C ASP B 28 29.33 6.68 -45.61
N LYS B 29 30.12 6.37 -46.64
CA LYS B 29 31.31 7.18 -46.93
C LYS B 29 30.97 8.61 -47.28
N LYS B 30 29.81 8.83 -47.91
CA LYS B 30 29.31 10.17 -48.22
C LYS B 30 29.24 11.05 -46.96
N ASP B 31 28.65 10.55 -45.87
CA ASP B 31 28.36 11.35 -44.65
C ASP B 31 29.57 11.45 -43.69
N LEU B 32 30.59 10.62 -43.91
CA LEU B 32 31.82 10.66 -43.13
C LEU B 32 32.61 11.90 -43.44
N ALA B 33 32.57 12.34 -44.70
CA ALA B 33 33.27 13.55 -45.11
C ALA B 33 32.62 14.83 -44.58
N HIS B 34 31.47 14.68 -43.90
CA HIS B 34 30.73 15.84 -43.37
C HIS B 34 30.82 15.89 -41.84
N THR B 35 32.02 16.15 -41.35
CA THR B 35 32.29 16.23 -39.93
C THR B 35 32.18 17.65 -39.38
N PRO B 36 32.15 17.77 -38.05
CA PRO B 36 32.27 19.06 -37.38
C PRO B 36 33.54 19.80 -37.75
N SER B 37 34.64 19.06 -37.92
CA SER B 37 35.91 19.66 -38.33
C SER B 37 35.84 20.23 -39.75
N GLN B 38 35.00 19.67 -40.62
CA GLN B 38 34.82 20.18 -41.98
C GLN B 38 33.91 21.38 -41.96
N LEU B 39 32.82 21.40 -41.19
CA LEU B 39 32.01 22.65 -41.09
C LEU B 39 32.98 23.78 -40.69
N GLU B 40 33.96 23.48 -39.83
CA GLU B 40 34.85 24.51 -39.27
C GLU B 40 36.12 24.85 -40.06
N GLY B 41 36.18 24.41 -41.32
CA GLY B 41 37.22 24.84 -42.22
C GLY B 41 38.40 23.91 -42.41
N LEU B 42 38.45 22.80 -41.69
CA LEU B 42 39.58 21.90 -41.78
C LEU B 42 39.49 21.02 -43.02
N ASP B 43 40.53 20.97 -43.84
CA ASP B 43 40.47 20.18 -45.06
C ASP B 43 40.67 18.69 -44.81
N PRO B 44 40.10 17.85 -45.68
CA PRO B 44 40.02 16.41 -45.43
C PRO B 44 41.36 15.73 -45.19
N ALA B 45 42.42 16.20 -45.85
CA ALA B 45 43.73 15.60 -45.70
C ALA B 45 44.16 15.79 -44.27
N THR B 46 44.05 17.02 -43.79
CA THR B 46 44.44 17.29 -42.41
C THR B 46 43.58 16.51 -41.43
N GLU B 47 42.29 16.36 -41.71
CA GLU B 47 41.48 15.62 -40.76
C GLU B 47 41.95 14.18 -40.75
N ALA B 48 42.28 13.63 -41.92
CA ALA B 48 42.64 12.22 -42.01
C ALA B 48 43.96 11.99 -41.31
N ARG B 49 44.89 12.94 -41.48
CA ARG B 49 46.14 12.93 -40.73
C ARG B 49 45.91 13.03 -39.22
N TYR B 50 45.07 13.95 -38.76
CA TYR B 50 44.80 14.03 -37.31
C TYR B 50 44.19 12.75 -36.77
N ARG B 51 43.36 12.06 -37.54
CA ARG B 51 42.80 10.75 -37.14
C ARG B 51 43.86 9.66 -36.98
N ARG B 52 44.76 9.54 -37.96
CA ARG B 52 45.85 8.56 -37.90
C ARG B 52 46.79 8.87 -36.73
N GLU B 53 47.21 10.13 -36.60
CA GLU B 53 48.11 10.51 -35.51
C GLU B 53 47.47 10.16 -34.17
N GLY B 54 46.19 10.46 -34.04
CA GLY B 54 45.50 10.20 -32.77
C GLY B 54 45.40 8.73 -32.45
N ALA B 55 45.01 7.94 -33.43
CA ALA B 55 44.84 6.51 -33.23
C ALA B 55 46.19 5.90 -32.93
N ARG B 56 47.20 6.21 -33.72
CA ARG B 56 48.52 5.68 -33.46
C ARG B 56 48.98 6.11 -32.10
N PHE B 57 48.67 7.36 -31.69
CA PHE B 57 49.02 7.82 -30.34
C PHE B 57 48.42 6.91 -29.26
N ILE B 58 47.12 6.65 -29.37
CA ILE B 58 46.45 5.70 -28.46
C ILE B 58 47.12 4.34 -28.49
N PHE B 59 47.44 3.86 -29.67
CA PHE B 59 48.08 2.55 -29.80
C PHE B 59 49.45 2.53 -29.14
N ASP B 60 50.24 3.58 -29.38
CA ASP B 60 51.56 3.66 -28.78
C ASP B 60 51.54 3.79 -27.26
N VAL B 61 50.66 4.62 -26.72
CA VAL B 61 50.58 4.79 -25.26
C VAL B 61 50.14 3.52 -24.56
N GLY B 62 49.06 2.92 -25.06
CA GLY B 62 48.55 1.68 -24.49
C GLY B 62 49.56 0.55 -24.58
N THR B 63 50.22 0.43 -25.74
CA THR B 63 51.24 -0.59 -25.89
C THR B 63 52.34 -0.37 -24.88
N ARG B 64 52.79 0.85 -24.69
CA ARG B 64 53.80 1.06 -23.70
C ARG B 64 53.29 0.71 -22.28
N LEU B 65 52.02 0.95 -21.98
CA LEU B 65 51.49 0.57 -20.64
C LEU B 65 51.20 -0.92 -20.45
N GLY B 66 51.40 -1.73 -21.50
CA GLY B 66 51.12 -3.16 -21.44
C GLY B 66 49.64 -3.49 -21.65
N LEU B 67 48.84 -2.52 -22.09
CA LEU B 67 47.43 -2.78 -22.31
C LEU B 67 47.28 -3.57 -23.61
N HIS B 68 46.22 -4.37 -23.70
CA HIS B 68 46.19 -5.31 -24.76
C HIS B 68 45.07 -5.03 -25.73
N TYR B 69 45.01 -5.85 -26.77
CA TYR B 69 44.52 -5.36 -28.04
C TYR B 69 43.07 -4.83 -28.02
N ASP B 70 42.21 -5.40 -27.19
CA ASP B 70 40.80 -4.94 -27.12
C ASP B 70 40.64 -3.56 -26.45
N THR B 71 41.44 -3.29 -25.43
CA THR B 71 41.42 -2.02 -24.73
C THR B 71 41.88 -0.91 -25.66
N LEU B 72 43.01 -1.15 -26.34
CA LEU B 72 43.50 -0.20 -27.34
C LEU B 72 42.45 0.08 -28.39
N ALA B 73 41.79 -0.97 -28.88
CA ALA B 73 40.83 -0.81 -29.95
C ALA B 73 39.58 -0.09 -29.44
N THR B 74 39.05 -0.49 -28.30
CA THR B 74 37.97 0.26 -27.68
C THR B 74 38.31 1.78 -27.64
N GLY B 75 39.46 2.14 -27.09
CA GLY B 75 39.84 3.55 -26.98
C GLY B 75 39.85 4.26 -28.33
N ILE B 76 40.37 3.58 -29.34
CA ILE B 76 40.42 4.14 -30.69
C ILE B 76 39.03 4.30 -31.28
N ILE B 77 38.10 3.40 -30.95
CA ILE B 77 36.74 3.54 -31.43
C ILE B 77 36.10 4.79 -30.82
N TYR B 78 36.23 4.94 -29.50
CA TYR B 78 35.71 6.12 -28.82
C TYR B 78 36.25 7.39 -29.49
N PHE B 79 37.54 7.40 -29.76
CA PHE B 79 38.20 8.50 -30.44
C PHE B 79 37.60 8.82 -31.79
N HIS B 80 37.42 7.80 -32.62
CA HIS B 80 36.77 8.02 -33.94
C HIS B 80 35.34 8.50 -33.84
N ARG B 81 34.58 7.95 -32.91
CA ARG B 81 33.20 8.36 -32.75
C ARG B 81 33.11 9.78 -32.24
N PHE B 82 33.95 10.11 -31.25
CA PHE B 82 33.91 11.41 -30.61
C PHE B 82 34.03 12.50 -31.67
N TYR B 83 34.90 12.31 -32.66
CA TYR B 83 35.14 13.34 -33.69
C TYR B 83 34.16 13.37 -34.86
N MET B 84 33.11 12.56 -34.75
CA MET B 84 31.91 12.75 -35.57
C MET B 84 30.92 13.71 -34.92
N PHE B 85 31.21 14.17 -33.70
CA PHE B 85 30.33 15.10 -32.99
C PHE B 85 31.03 16.37 -32.52
N HIS B 86 32.36 16.38 -32.55
CA HIS B 86 33.14 17.54 -32.20
C HIS B 86 34.29 17.73 -33.19
N SER B 87 34.90 18.89 -33.18
CA SER B 87 35.93 19.20 -34.13
C SER B 87 37.29 19.25 -33.46
N PHE B 88 38.34 18.93 -34.23
CA PHE B 88 39.72 19.01 -33.75
C PHE B 88 40.14 20.44 -33.37
N LYS B 89 39.55 21.44 -34.02
CA LYS B 89 39.85 22.82 -33.68
C LYS B 89 39.47 23.13 -32.22
N GLN B 90 38.49 22.43 -31.69
CA GLN B 90 38.05 22.61 -30.31
C GLN B 90 38.66 21.60 -29.35
N PHE B 91 38.82 20.36 -29.78
CA PHE B 91 39.40 19.31 -28.94
C PHE B 91 40.73 18.79 -29.49
N PRO B 92 41.84 19.26 -28.89
CA PRO B 92 43.14 18.78 -29.30
C PRO B 92 43.22 17.28 -29.17
N ARG B 93 43.84 16.65 -30.17
CA ARG B 93 43.71 15.22 -30.38
C ARG B 93 44.43 14.33 -29.39
N TYR B 94 45.61 14.72 -28.95
CA TYR B 94 46.34 13.87 -28.02
C TYR B 94 45.69 13.82 -26.65
N VAL B 95 45.04 14.90 -26.27
CA VAL B 95 44.30 14.92 -25.01
C VAL B 95 43.11 13.99 -25.13
N THR B 96 42.39 14.09 -26.25
CA THR B 96 41.22 13.23 -26.46
C THR B 96 41.60 11.75 -26.50
N GLY B 97 42.70 11.45 -27.18
CA GLY B 97 43.27 10.12 -27.22
C GLY B 97 43.52 9.56 -25.83
N ALA B 98 44.21 10.34 -25.00
CA ALA B 98 44.52 9.91 -23.65
C ALA B 98 43.26 9.66 -22.84
N CYS B 99 42.25 10.48 -23.09
CA CYS B 99 40.98 10.35 -22.39
C CYS B 99 40.26 9.09 -22.83
N CYS B 100 40.31 8.79 -24.14
CA CYS B 100 39.60 7.62 -24.65
C CYS B 100 40.23 6.35 -24.13
N LEU B 101 41.56 6.32 -24.07
CA LEU B 101 42.27 5.16 -23.53
C LEU B 101 41.96 4.92 -22.05
N PHE B 102 41.93 6.00 -21.28
CA PHE B 102 41.69 5.99 -19.84
C PHE B 102 40.35 5.38 -19.53
N LEU B 103 39.34 5.81 -20.27
CA LEU B 103 38.00 5.25 -20.16
C LEU B 103 37.94 3.81 -20.66
N ALA B 104 38.61 3.51 -21.78
CA ALA B 104 38.65 2.13 -22.28
C ALA B 104 39.20 1.13 -21.26
N GLY B 105 40.19 1.58 -20.50
CA GLY B 105 40.81 0.71 -19.53
C GLY B 105 39.82 0.32 -18.48
N LYS B 106 38.92 1.24 -18.16
CA LYS B 106 37.93 1.02 -17.13
C LYS B 106 36.86 0.13 -17.65
N VAL B 107 36.45 0.38 -18.88
CA VAL B 107 35.41 -0.43 -19.51
C VAL B 107 35.84 -1.88 -19.68
N GLU B 108 37.06 -2.10 -20.16
CA GLU B 108 37.58 -3.46 -20.39
C GLU B 108 38.24 -4.11 -19.19
N GLU B 109 38.09 -3.50 -18.01
CA GLU B 109 38.58 -4.08 -16.77
C GLU B 109 40.11 -4.26 -16.75
N THR B 110 40.79 -3.32 -17.38
CA THR B 110 42.24 -3.27 -17.35
C THR B 110 42.59 -1.82 -16.98
N PRO B 111 42.10 -1.36 -15.83
CA PRO B 111 42.23 0.06 -15.52
C PRO B 111 43.69 0.50 -15.29
N LYS B 112 43.97 1.74 -15.68
CA LYS B 112 45.25 2.39 -15.43
C LYS B 112 44.99 3.76 -14.79
N LYS B 113 45.87 4.16 -13.88
CA LYS B 113 45.76 5.46 -13.25
C LYS B 113 46.02 6.60 -14.27
N CYS B 114 45.25 7.67 -14.17
CA CYS B 114 45.45 8.82 -15.03
C CYS B 114 46.89 9.36 -14.99
N LYS B 115 47.48 9.49 -13.79
CA LYS B 115 48.92 9.83 -13.66
C LYS B 115 49.83 8.97 -14.60
N ASP B 116 49.59 7.66 -14.72
CA ASP B 116 50.42 6.79 -15.59
C ASP B 116 50.18 7.00 -17.09
N ILE B 117 48.96 7.37 -17.45
CA ILE B 117 48.66 7.68 -18.84
C ILE B 117 49.34 8.99 -19.28
N ILE B 118 49.30 9.99 -18.42
CA ILE B 118 50.04 11.23 -18.68
C ILE B 118 51.57 10.98 -18.81
N LYS B 119 52.22 10.36 -17.82
CA LYS B 119 53.67 10.03 -17.92
C LYS B 119 53.99 9.40 -19.27
N THR B 120 53.28 8.33 -19.62
CA THR B 120 53.45 7.67 -20.90
C THR B 120 53.19 8.57 -22.12
N ALA B 121 52.13 9.37 -22.07
CA ALA B 121 51.88 10.34 -23.14
C ALA B 121 53.09 11.26 -23.30
N ARG B 122 53.55 11.80 -22.17
CA ARG B 122 54.63 12.75 -22.16
C ARG B 122 55.85 12.08 -22.72
N SER B 123 56.04 10.79 -22.44
CA SER B 123 57.23 10.10 -22.94
C SER B 123 57.22 9.98 -24.49
N LEU B 124 56.02 9.93 -25.08
CA LEU B 124 55.90 9.85 -26.53
C LEU B 124 55.74 11.18 -27.26
N LEU B 125 55.42 12.26 -26.58
CA LEU B 125 55.22 13.54 -27.27
C LEU B 125 56.42 14.48 -27.13
N ASN B 126 56.43 15.56 -27.88
CA ASN B 126 57.46 16.57 -27.70
C ASN B 126 56.89 17.79 -26.98
N ASP B 127 57.72 18.79 -26.66
CA ASP B 127 57.25 19.94 -25.89
C ASP B 127 56.01 20.60 -26.54
N VAL B 128 55.99 20.74 -27.86
CA VAL B 128 54.89 21.40 -28.55
C VAL B 128 53.64 20.56 -28.44
N GLN B 129 53.75 19.31 -28.84
CA GLN B 129 52.61 18.40 -28.85
C GLN B 129 51.99 18.25 -27.48
N PHE B 130 52.84 18.17 -26.47
CA PHE B 130 52.37 18.00 -25.09
C PHE B 130 51.78 19.29 -24.55
N GLY B 131 52.09 20.41 -25.19
CA GLY B 131 51.48 21.69 -24.83
C GLY B 131 49.97 21.61 -24.78
N GLN B 132 49.39 20.81 -25.67
CA GLN B 132 47.94 20.60 -25.71
C GLN B 132 47.35 20.25 -24.38
N PHE B 133 48.12 19.58 -23.53
CA PHE B 133 47.67 19.13 -22.20
C PHE B 133 47.57 20.26 -21.16
N GLY B 134 48.31 21.36 -21.38
CA GLY B 134 48.20 22.55 -20.55
C GLY B 134 48.84 22.48 -19.17
N ASP B 135 48.55 23.48 -18.33
CA ASP B 135 49.06 23.62 -16.96
C ASP B 135 48.77 22.39 -16.10
N ASP B 136 47.56 21.84 -16.20
CA ASP B 136 47.16 20.67 -15.41
C ASP B 136 46.75 19.52 -16.34
N PRO B 137 47.72 18.68 -16.75
CA PRO B 137 47.41 17.66 -17.75
C PRO B 137 46.32 16.72 -17.29
N LYS B 138 46.37 16.37 -16.01
CA LYS B 138 45.40 15.45 -15.45
C LYS B 138 43.97 16.03 -15.51
N GLU B 139 43.80 17.28 -15.04
CA GLU B 139 42.49 17.94 -15.05
C GLU B 139 41.89 18.02 -16.44
N GLU B 140 42.69 18.41 -17.42
CA GLU B 140 42.22 18.49 -18.80
C GLU B 140 41.61 17.16 -19.29
N VAL B 141 42.20 16.06 -18.88
CA VAL B 141 41.67 14.75 -19.24
C VAL B 141 40.38 14.38 -18.48
N MET B 142 40.32 14.64 -17.17
CA MET B 142 39.13 14.27 -16.36
C MET B 142 37.89 15.01 -16.82
N VAL B 143 38.07 16.31 -16.99
CA VAL B 143 37.09 17.19 -17.58
C VAL B 143 36.56 16.65 -18.90
N LEU B 144 37.46 16.21 -19.75
CA LEU B 144 37.04 15.70 -21.06
C LEU B 144 36.23 14.38 -21.01
N GLU B 145 36.45 13.61 -19.94
CA GLU B 145 35.77 12.32 -19.75
C GLU B 145 34.27 12.51 -19.61
N ARG B 146 33.87 13.57 -18.93
CA ARG B 146 32.41 13.84 -18.82
C ARG B 146 31.84 13.98 -20.21
N ILE B 147 32.55 14.71 -21.06
CA ILE B 147 32.04 15.00 -22.40
C ILE B 147 32.09 13.77 -23.29
N LEU B 148 33.18 13.03 -23.17
CA LEU B 148 33.33 11.84 -23.95
C LEU B 148 32.14 10.89 -23.72
N LEU B 149 31.86 10.60 -22.45
CA LEU B 149 30.76 9.75 -22.07
C LEU B 149 29.42 10.21 -22.62
N GLN B 150 29.17 11.52 -22.57
CA GLN B 150 27.93 12.06 -23.13
C GLN B 150 27.93 11.85 -24.62
N THR B 151 29.06 12.12 -25.26
CA THR B 151 29.14 12.04 -26.71
C THR B 151 28.92 10.62 -27.23
N ILE B 152 29.45 9.62 -26.54
CA ILE B 152 29.27 8.23 -26.95
C ILE B 152 28.02 7.63 -26.34
N LYS B 153 27.20 8.48 -25.71
CA LYS B 153 25.87 8.10 -25.21
C LYS B 153 25.89 6.92 -24.25
N PHE B 154 26.97 6.82 -23.46
CA PHE B 154 27.22 5.68 -22.57
C PHE B 154 27.05 4.30 -23.23
N ASP B 155 27.21 4.20 -24.54
CA ASP B 155 27.20 2.89 -25.19
C ASP B 155 28.66 2.43 -25.14
N LEU B 156 29.02 1.80 -24.04
CA LEU B 156 30.43 1.56 -23.71
C LEU B 156 30.94 0.25 -24.29
N GLN B 157 30.04 -0.72 -24.43
CA GLN B 157 30.38 -2.04 -24.94
C GLN B 157 30.67 -1.94 -26.43
N VAL B 158 31.80 -2.50 -26.85
CA VAL B 158 32.22 -2.53 -28.23
C VAL B 158 32.98 -3.82 -28.51
N GLU B 159 32.73 -4.41 -29.67
CA GLU B 159 33.46 -5.58 -30.06
C GLU B 159 34.37 -5.22 -31.22
N HIS B 160 35.45 -5.97 -31.42
CA HIS B 160 36.44 -5.64 -32.44
C HIS B 160 36.68 -6.80 -33.36
N PRO B 161 37.43 -6.56 -34.45
CA PRO B 161 37.56 -7.62 -35.44
C PRO B 161 38.40 -8.81 -34.98
N TYR B 162 39.30 -8.56 -34.03
CA TYR B 162 40.25 -9.60 -33.61
C TYR B 162 39.51 -10.85 -33.17
N GLN B 163 38.54 -10.69 -32.28
CA GLN B 163 37.80 -11.83 -31.73
C GLN B 163 37.13 -12.64 -32.83
N PHE B 164 36.66 -12.00 -33.89
CA PHE B 164 36.01 -12.72 -35.02
C PHE B 164 37.05 -13.31 -35.96
N LEU B 165 38.19 -12.64 -36.11
CA LEU B 165 39.28 -13.21 -36.88
C LEU B 165 39.67 -14.57 -36.33
N LEU B 166 39.78 -14.66 -35.01
CA LEU B 166 40.15 -15.92 -34.34
C LEU B 166 39.04 -16.96 -34.37
N LYS B 167 37.78 -16.56 -34.24
CA LYS B 167 36.71 -17.52 -34.22
C LYS B 167 36.54 -18.14 -35.62
N TYR B 168 36.60 -17.29 -36.63
CA TYR B 168 36.39 -17.73 -37.99
C TYR B 168 37.57 -18.58 -38.44
N ALA B 169 38.80 -18.17 -38.13
CA ALA B 169 39.97 -18.90 -38.58
C ALA B 169 40.09 -20.26 -37.90
N LYS B 170 39.57 -20.34 -36.69
CA LYS B 170 39.65 -21.56 -35.91
C LYS B 170 38.81 -22.67 -36.54
N GLN B 171 37.84 -22.30 -37.36
CA GLN B 171 36.90 -23.23 -37.97
C GLN B 171 37.34 -23.69 -39.34
N LEU B 172 38.44 -23.15 -39.83
CA LEU B 172 39.03 -23.68 -41.04
C LEU B 172 39.84 -24.91 -40.65
N LYS B 173 39.86 -25.91 -41.53
CA LYS B 173 40.57 -27.16 -41.29
C LYS B 173 41.43 -27.37 -42.54
N GLY B 174 42.74 -27.56 -42.34
CA GLY B 174 43.72 -27.65 -43.44
C GLY B 174 45.12 -27.26 -42.98
N ASP B 175 46.03 -27.04 -43.91
CA ASP B 175 47.40 -26.72 -43.55
C ASP B 175 47.45 -25.66 -42.44
N LYS B 176 47.96 -26.07 -41.28
CA LYS B 176 48.04 -25.21 -40.13
C LYS B 176 49.00 -24.03 -40.30
N ASN B 177 50.09 -24.25 -41.02
CA ASN B 177 51.06 -23.17 -41.23
C ASN B 177 50.54 -22.06 -42.09
N LYS B 178 49.88 -22.44 -43.19
CA LYS B 178 49.26 -21.50 -44.07
C LYS B 178 48.13 -20.75 -43.35
N ILE B 179 47.28 -21.48 -42.64
CA ILE B 179 46.19 -20.87 -41.85
C ILE B 179 46.71 -19.88 -40.82
N GLN B 180 47.80 -20.25 -40.13
CA GLN B 180 48.44 -19.37 -39.14
C GLN B 180 49.05 -18.10 -39.75
N LYS B 181 49.66 -18.24 -40.93
CA LYS B 181 50.23 -17.10 -41.65
C LYS B 181 49.14 -16.15 -42.07
N LEU B 182 48.02 -16.73 -42.51
CA LEU B 182 46.87 -15.95 -42.92
C LEU B 182 46.39 -15.11 -41.76
N VAL B 183 46.21 -15.74 -40.61
CA VAL B 183 45.71 -15.06 -39.44
C VAL B 183 46.70 -13.99 -39.03
N GLN B 184 47.98 -14.27 -39.15
CA GLN B 184 48.94 -13.35 -38.64
C GLN B 184 48.99 -12.08 -39.49
N MET B 185 48.84 -12.27 -40.79
CA MET B 185 48.81 -11.13 -41.68
C MET B 185 47.53 -10.34 -41.46
N ALA B 186 46.43 -11.08 -41.31
CA ALA B 186 45.14 -10.48 -41.16
C ALA B 186 45.11 -9.66 -39.86
N TRP B 187 45.76 -10.17 -38.83
CA TRP B 187 45.88 -9.46 -37.56
C TRP B 187 46.51 -8.06 -37.71
N THR B 188 47.62 -8.00 -38.43
CA THR B 188 48.32 -6.75 -38.69
C THR B 188 47.43 -5.81 -39.47
N PHE B 189 46.72 -6.36 -40.46
CA PHE B 189 45.77 -5.58 -41.24
C PHE B 189 44.67 -5.01 -40.36
N VAL B 190 44.31 -5.69 -39.27
CA VAL B 190 43.34 -5.10 -38.35
C VAL B 190 43.95 -3.89 -37.66
N ASN B 191 45.14 -4.06 -37.10
CA ASN B 191 45.85 -2.93 -36.50
C ASN B 191 45.89 -1.76 -37.42
N ASP B 192 46.19 -2.01 -38.69
CA ASP B 192 46.24 -0.90 -39.67
C ASP B 192 44.89 -0.26 -39.92
N SER B 193 43.83 -1.06 -39.94
CA SER B 193 42.50 -0.55 -40.23
C SER B 193 42.12 0.50 -39.19
N LEU B 194 42.63 0.35 -37.97
CA LEU B 194 42.26 1.24 -36.88
C LEU B 194 42.66 2.70 -37.06
N CYS B 195 43.66 2.98 -37.89
CA CYS B 195 44.01 4.38 -38.22
C CYS B 195 42.92 5.05 -39.05
N THR B 196 42.06 4.24 -39.67
CA THR B 196 41.06 4.71 -40.62
C THR B 196 39.70 4.79 -39.98
N THR B 197 38.74 5.32 -40.73
CA THR B 197 37.35 5.34 -40.31
C THR B 197 36.59 4.05 -40.62
N LEU B 198 37.29 2.94 -40.88
CA LEU B 198 36.60 1.67 -41.21
C LEU B 198 35.66 1.15 -40.11
N SER B 199 35.99 1.45 -38.86
CA SER B 199 35.11 1.08 -37.73
C SER B 199 33.83 1.91 -37.65
N LEU B 200 33.77 3.01 -38.40
CA LEU B 200 32.56 3.81 -38.49
C LEU B 200 31.76 3.44 -39.73
N GLN B 201 32.29 2.58 -40.59
CA GLN B 201 31.57 2.16 -41.81
C GLN B 201 31.00 0.75 -41.72
N TRP B 202 31.74 -0.15 -41.08
CA TRP B 202 31.40 -1.56 -41.07
C TRP B 202 31.57 -2.25 -39.71
N GLU B 203 30.65 -3.16 -39.39
CA GLU B 203 30.74 -3.93 -38.16
C GLU B 203 32.02 -4.75 -38.11
N PRO B 204 32.50 -5.02 -36.90
CA PRO B 204 33.76 -5.72 -36.81
C PRO B 204 33.72 -7.10 -37.48
N GLU B 205 32.58 -7.76 -37.44
CA GLU B 205 32.43 -9.05 -38.10
C GLU B 205 32.88 -8.99 -39.55
N ILE B 206 32.49 -7.91 -40.21
CA ILE B 206 32.77 -7.71 -41.63
C ILE B 206 34.25 -7.35 -41.84
N ILE B 207 34.81 -6.47 -41.01
CA ILE B 207 36.25 -6.12 -41.09
C ILE B 207 37.11 -7.37 -41.05
N ALA B 208 36.82 -8.25 -40.08
CA ALA B 208 37.47 -9.57 -39.96
C ALA B 208 37.49 -10.40 -41.25
N VAL B 209 36.30 -10.62 -41.82
CA VAL B 209 36.19 -11.33 -43.07
C VAL B 209 37.04 -10.69 -44.15
N ALA B 210 37.03 -9.36 -44.19
CA ALA B 210 37.78 -8.59 -45.19
C ALA B 210 39.29 -8.77 -45.04
N VAL B 211 39.81 -8.68 -43.82
CA VAL B 211 41.26 -8.82 -43.64
C VAL B 211 41.69 -10.24 -43.97
N MET B 212 40.82 -11.21 -43.69
CA MET B 212 41.08 -12.59 -44.10
C MET B 212 41.12 -12.67 -45.62
N TYR B 213 40.18 -12.01 -46.25
CA TYR B 213 40.08 -12.00 -47.71
C TYR B 213 41.32 -11.34 -48.34
N LEU B 214 41.72 -10.19 -47.80
CA LEU B 214 42.96 -9.52 -48.20
C LEU B 214 44.19 -10.42 -48.01
N ALA B 215 44.29 -11.01 -46.83
CA ALA B 215 45.37 -11.91 -46.55
C ALA B 215 45.38 -13.00 -47.59
N GLY B 216 44.18 -13.50 -47.85
CA GLY B 216 43.95 -14.54 -48.83
C GLY B 216 44.53 -14.19 -50.19
N ARG B 217 44.23 -12.99 -50.68
CA ARG B 217 44.76 -12.56 -51.98
C ARG B 217 46.28 -12.50 -51.97
N LEU B 218 46.85 -11.80 -50.99
CA LEU B 218 48.28 -11.55 -51.01
C LEU B 218 49.12 -12.81 -50.82
N CYS B 219 48.64 -13.77 -50.03
CA CYS B 219 49.34 -15.06 -49.89
C CYS B 219 48.98 -16.05 -50.99
N LYS B 220 47.90 -15.75 -51.72
CA LYS B 220 47.40 -16.59 -52.82
C LYS B 220 46.94 -17.94 -52.29
N PHE B 221 46.20 -17.87 -51.19
CA PHE B 221 45.51 -19.01 -50.61
C PHE B 221 44.04 -18.97 -51.03
N GLU B 222 43.55 -20.11 -51.58
CA GLU B 222 42.12 -20.33 -51.83
C GLU B 222 41.49 -20.78 -50.52
N ILE B 223 40.78 -19.87 -49.85
CA ILE B 223 40.25 -20.11 -48.52
C ILE B 223 39.07 -21.12 -48.50
N GLN B 224 38.26 -21.16 -49.55
CA GLN B 224 37.15 -22.15 -49.63
C GLN B 224 37.58 -23.62 -49.42
N GLU B 225 38.84 -23.94 -49.78
CA GLU B 225 39.36 -25.30 -49.69
C GLU B 225 39.54 -25.77 -48.23
N TRP B 226 39.62 -24.81 -47.31
CA TRP B 226 39.68 -25.10 -45.88
C TRP B 226 38.30 -25.05 -45.20
N THR B 227 37.25 -24.83 -45.97
CA THR B 227 35.92 -24.89 -45.40
C THR B 227 35.33 -26.24 -45.69
N SER B 228 34.28 -26.51 -44.94
CA SER B 228 33.47 -27.69 -45.11
C SER B 228 33.00 -27.89 -46.57
N LYS B 229 32.80 -26.78 -47.31
CA LYS B 229 32.30 -26.78 -48.70
C LYS B 229 33.35 -26.21 -49.70
N PRO B 230 34.31 -27.06 -50.16
CA PRO B 230 35.37 -26.55 -51.04
C PRO B 230 34.85 -26.01 -52.37
N MET B 231 33.65 -26.47 -52.75
CA MET B 231 32.95 -26.04 -53.94
C MET B 231 31.99 -24.86 -53.72
N TYR B 232 32.34 -23.93 -52.83
CA TYR B 232 31.70 -22.62 -52.83
C TYR B 232 32.66 -21.39 -52.68
N ARG B 233 32.79 -20.57 -53.75
CA ARG B 233 33.63 -19.34 -53.82
C ARG B 233 33.55 -18.43 -52.57
N ARG B 234 32.32 -18.17 -52.15
CA ARG B 234 32.01 -17.25 -51.06
C ARG B 234 32.16 -17.93 -49.69
N TRP B 235 33.40 -18.23 -49.37
CA TRP B 235 33.73 -18.91 -48.13
C TRP B 235 33.23 -18.18 -46.89
N TRP B 236 33.15 -16.85 -46.98
CA TRP B 236 32.80 -16.01 -45.82
C TRP B 236 31.34 -16.11 -45.36
N GLU B 237 30.47 -16.67 -46.21
CA GLU B 237 29.04 -16.67 -45.91
C GLU B 237 28.66 -17.51 -44.70
N GLN B 238 29.50 -18.48 -44.37
CA GLN B 238 29.27 -19.23 -43.14
C GLN B 238 29.52 -18.40 -41.89
N PHE B 239 30.35 -17.35 -42.00
CA PHE B 239 30.72 -16.53 -40.85
C PHE B 239 29.86 -15.26 -40.72
N VAL B 240 29.61 -14.62 -41.86
CA VAL B 240 28.63 -13.54 -41.95
C VAL B 240 27.73 -13.78 -43.14
N GLN B 241 26.47 -13.39 -43.03
CA GLN B 241 25.54 -13.51 -44.15
C GLN B 241 25.50 -12.18 -44.85
N ASP B 242 25.28 -12.22 -46.15
CA ASP B 242 24.99 -11.01 -46.95
C ASP B 242 26.16 -9.99 -47.04
N VAL B 243 27.35 -10.41 -47.48
CA VAL B 243 28.41 -9.40 -47.72
C VAL B 243 28.90 -9.37 -49.17
N PRO B 244 28.51 -8.31 -49.89
CA PRO B 244 28.91 -8.24 -51.29
C PRO B 244 30.42 -8.19 -51.47
N VAL B 245 30.95 -8.85 -52.49
CA VAL B 245 32.38 -8.88 -52.73
C VAL B 245 32.95 -7.46 -52.87
N ASP B 246 32.22 -6.56 -53.55
CA ASP B 246 32.66 -5.15 -53.74
C ASP B 246 32.82 -4.35 -52.43
N VAL B 247 32.13 -4.78 -51.37
CA VAL B 247 32.34 -4.22 -50.03
C VAL B 247 33.71 -4.65 -49.49
N LEU B 248 34.04 -5.91 -49.68
CA LEU B 248 35.33 -6.43 -49.23
C LEU B 248 36.42 -5.77 -50.03
N GLU B 249 36.24 -5.70 -51.35
CA GLU B 249 37.19 -5.04 -52.20
C GLU B 249 37.40 -3.64 -51.69
N ASP B 250 36.30 -2.98 -51.36
CA ASP B 250 36.37 -1.60 -50.93
C ASP B 250 37.18 -1.45 -49.66
N ILE B 251 36.95 -2.35 -48.70
CA ILE B 251 37.72 -2.36 -47.45
C ILE B 251 39.17 -2.67 -47.71
N CYS B 252 39.42 -3.63 -48.57
CA CYS B 252 40.78 -3.93 -48.99
C CYS B 252 41.47 -2.68 -49.55
N HIS B 253 40.80 -1.96 -50.44
CA HIS B 253 41.41 -0.79 -51.10
C HIS B 253 41.80 0.28 -50.07
N GLN B 254 40.97 0.46 -49.06
CA GLN B 254 41.21 1.49 -48.06
C GLN B 254 42.40 1.17 -47.18
N ILE B 255 42.53 -0.10 -46.81
CA ILE B 255 43.65 -0.54 -45.99
C ILE B 255 44.91 -0.43 -46.81
N LEU B 256 44.90 -0.96 -48.03
CA LEU B 256 46.06 -0.83 -48.93
C LEU B 256 46.50 0.60 -49.15
N ASP B 257 45.59 1.57 -49.13
CA ASP B 257 45.95 2.97 -49.34
C ASP B 257 46.96 3.49 -48.32
N LEU B 258 46.97 2.89 -47.14
CA LEU B 258 47.92 3.24 -46.10
C LEU B 258 49.37 2.94 -46.47
N TYR B 259 49.61 2.01 -47.38
CA TYR B 259 50.96 1.58 -47.71
C TYR B 259 51.49 2.14 -49.02
N SER B 260 50.68 2.93 -49.71
CA SER B 260 50.94 3.31 -51.12
C SER B 260 52.32 3.93 -51.37
N ARG C 10 -16.80 -10.72 26.43
CA ARG C 10 -15.46 -11.26 26.06
C ARG C 10 -14.39 -10.18 26.21
N CYS C 11 -13.13 -10.59 26.17
CA CYS C 11 -11.99 -9.69 26.44
C CYS C 11 -11.12 -9.42 25.19
N VAL C 12 -10.31 -8.36 25.27
CA VAL C 12 -9.44 -7.95 24.16
C VAL C 12 -8.16 -8.79 24.07
N ASP C 13 -7.85 -9.53 25.13
CA ASP C 13 -6.80 -10.55 25.06
C ASP C 13 -7.18 -11.67 24.07
N LYS C 14 -8.47 -11.81 23.77
CA LYS C 14 -8.99 -12.74 22.74
C LYS C 14 -8.52 -12.41 21.31
N PHE C 15 -7.88 -11.25 21.14
CA PHE C 15 -7.40 -10.80 19.85
C PHE C 15 -5.88 -10.58 19.87
N ASP C 16 -5.25 -10.73 18.71
CA ASP C 16 -3.84 -10.41 18.56
C ASP C 16 -3.73 -9.06 17.88
N ILE C 17 -3.18 -8.06 18.58
CA ILE C 17 -3.02 -6.72 18.01
C ILE C 17 -1.80 -6.68 17.10
N ILE C 18 -1.97 -6.10 15.92
CA ILE C 18 -0.92 -6.06 14.88
C ILE C 18 -0.34 -4.64 14.71
N GLY C 19 -1.19 -3.62 14.75
CA GLY C 19 -0.74 -2.24 14.62
C GLY C 19 -1.88 -1.25 14.50
N ILE C 20 -1.54 0.03 14.33
CA ILE C 20 -2.51 1.15 14.30
C ILE C 20 -2.92 1.49 12.87
N ILE C 21 -4.23 1.52 12.60
CA ILE C 21 -4.75 1.77 11.23
C ILE C 21 -5.79 2.88 11.15
N GLY C 22 -5.65 3.86 12.04
CA GLY C 22 -6.56 5.01 12.08
C GLY C 22 -6.48 5.77 13.38
N GLU C 23 -7.00 6.99 13.37
CA GLU C 23 -7.37 7.72 14.58
C GLU C 23 -8.88 7.86 14.55
N GLY C 24 -9.55 7.37 15.58
CA GLY C 24 -10.97 7.60 15.73
C GLY C 24 -11.13 8.71 16.74
N THR C 25 -12.37 9.09 16.97
CA THR C 25 -12.70 10.26 17.79
C THR C 25 -12.33 10.11 19.27
N TYR C 26 -12.42 8.88 19.82
CA TYR C 26 -12.14 8.62 21.25
C TYR C 26 -11.00 7.62 21.48
N GLY C 27 -10.33 7.24 20.40
CA GLY C 27 -9.15 6.40 20.50
C GLY C 27 -8.68 6.00 19.12
N GLN C 28 -7.58 5.28 19.07
CA GLN C 28 -7.10 4.73 17.81
C GLN C 28 -7.95 3.58 17.33
N VAL C 29 -7.88 3.30 16.03
CA VAL C 29 -8.35 2.04 15.50
C VAL C 29 -7.13 1.13 15.36
N TYR C 30 -7.34 -0.18 15.51
CA TYR C 30 -6.25 -1.15 15.47
C TYR C 30 -6.62 -2.32 14.58
N LYS C 31 -5.61 -2.91 13.94
CA LYS C 31 -5.79 -4.11 13.14
C LYS C 31 -5.48 -5.27 14.04
N ALA C 32 -6.21 -6.37 13.87
CA ALA C 32 -6.00 -7.53 14.74
C ALA C 32 -6.51 -8.86 14.18
N LYS C 33 -6.02 -9.95 14.80
CA LYS C 33 -6.39 -11.30 14.42
C LYS C 33 -7.12 -11.99 15.57
N ASP C 34 -8.29 -12.53 15.25
CA ASP C 34 -9.05 -13.31 16.21
C ASP C 34 -8.35 -14.64 16.43
N LYS C 35 -8.03 -14.95 17.69
CA LYS C 35 -7.24 -16.15 18.02
C LYS C 35 -7.98 -17.46 17.84
N ASP C 36 -9.30 -17.44 17.95
CA ASP C 36 -10.09 -18.67 17.77
C ASP C 36 -10.29 -18.98 16.30
N THR C 37 -10.59 -17.95 15.50
CA THR C 37 -11.01 -18.13 14.09
C THR C 37 -9.97 -17.72 13.06
N GLY C 38 -9.00 -16.90 13.45
CA GLY C 38 -7.98 -16.41 12.51
C GLY C 38 -8.35 -15.16 11.72
N GLU C 39 -9.63 -14.83 11.63
CA GLU C 39 -10.09 -13.69 10.83
C GLU C 39 -9.42 -12.36 11.26
N LEU C 40 -9.20 -11.48 10.27
CA LEU C 40 -8.68 -10.14 10.52
C LEU C 40 -9.82 -9.17 10.82
N VAL C 41 -9.61 -8.29 11.80
CA VAL C 41 -10.65 -7.36 12.26
C VAL C 41 -10.03 -6.00 12.55
N ALA C 42 -10.87 -4.97 12.56
CA ALA C 42 -10.50 -3.65 13.07
C ALA C 42 -11.12 -3.43 14.46
N LEU C 43 -10.38 -2.77 15.35
CA LEU C 43 -10.86 -2.50 16.70
C LEU C 43 -10.85 -1.00 16.98
N LYS C 44 -12.04 -0.38 17.04
CA LYS C 44 -12.10 1.03 17.43
C LYS C 44 -12.06 1.14 18.93
N LYS C 45 -10.97 1.70 19.46
CA LYS C 45 -10.86 1.94 20.89
C LYS C 45 -11.78 3.08 21.29
N VAL C 46 -12.33 2.95 22.50
CA VAL C 46 -13.09 4.01 23.18
C VAL C 46 -12.48 4.21 24.58
N ARG C 47 -11.72 5.28 24.77
CA ARG C 47 -11.01 5.55 26.03
C ARG C 47 -12.01 6.15 27.03
N LEU C 48 -11.87 5.78 28.31
CA LEU C 48 -12.75 6.24 29.40
C LEU C 48 -11.99 7.02 30.47
N ASP C 49 -10.91 6.41 30.98
CA ASP C 49 -10.04 7.04 31.99
C ASP C 49 -9.58 8.41 31.48
N ASN C 50 -9.69 9.42 32.34
CA ASN C 50 -9.67 10.84 31.89
C ASN C 50 -10.93 11.23 31.08
N GLU C 51 -12.09 10.80 31.60
CA GLU C 51 -13.40 11.31 31.18
C GLU C 51 -14.16 11.80 32.41
N LYS C 52 -14.98 12.82 32.18
CA LYS C 52 -15.64 13.56 33.23
C LYS C 52 -17.09 13.14 33.41
N GLU C 53 -17.75 12.78 32.30
CA GLU C 53 -19.13 12.26 32.32
C GLU C 53 -19.22 10.82 31.76
N GLY C 54 -18.30 9.96 32.20
CA GLY C 54 -18.40 8.53 31.99
C GLY C 54 -18.26 8.15 30.54
N PHE C 55 -18.77 6.99 30.18
CA PHE C 55 -18.74 6.51 28.79
C PHE C 55 -19.29 7.61 27.89
N PRO C 56 -18.49 8.05 26.93
CA PRO C 56 -18.87 9.18 26.10
C PRO C 56 -20.26 9.03 25.50
N ILE C 57 -21.12 9.97 25.84
CA ILE C 57 -22.41 10.07 25.18
C ILE C 57 -22.34 10.01 23.63
N THR C 58 -21.24 10.43 23.03
CA THR C 58 -21.20 10.39 21.58
C THR C 58 -21.11 8.95 21.15
N ALA C 59 -20.36 8.18 21.94
CA ALA C 59 -20.06 6.80 21.58
C ALA C 59 -21.34 5.99 21.73
N ILE C 60 -22.06 6.28 22.81
CA ILE C 60 -23.37 5.70 23.02
C ILE C 60 -24.25 5.95 21.81
N ARG C 61 -24.23 7.18 21.30
CA ARG C 61 -25.01 7.55 20.13
C ARG C 61 -24.56 6.76 18.91
N GLU C 62 -23.25 6.64 18.70
CA GLU C 62 -22.73 5.90 17.54
C GLU C 62 -23.13 4.43 17.61
N ILE C 63 -23.09 3.85 18.80
CA ILE C 63 -23.38 2.45 18.99
C ILE C 63 -24.85 2.10 18.75
N LYS C 64 -25.79 2.87 19.28
CA LYS C 64 -27.23 2.64 19.03
C LYS C 64 -27.48 2.62 17.53
N ILE C 65 -26.80 3.51 16.81
CA ILE C 65 -27.01 3.60 15.38
C ILE C 65 -26.42 2.38 14.69
N LEU C 66 -25.17 2.08 14.97
CA LEU C 66 -24.54 0.91 14.38
C LEU C 66 -25.35 -0.36 14.61
N ARG C 67 -25.90 -0.53 15.80
CA ARG C 67 -26.63 -1.76 16.09
C ARG C 67 -27.88 -1.93 15.23
N GLN C 68 -28.39 -0.83 14.67
CA GLN C 68 -29.57 -0.88 13.83
C GLN C 68 -29.23 -1.08 12.33
N LEU C 69 -27.95 -0.96 11.99
CA LEU C 69 -27.50 -1.02 10.60
C LEU C 69 -26.99 -2.39 10.15
N ILE C 70 -27.81 -3.03 9.32
CA ILE C 70 -27.55 -4.37 8.82
C ILE C 70 -27.65 -4.33 7.32
N HIS C 71 -26.56 -3.89 6.68
CA HIS C 71 -26.54 -3.78 5.25
C HIS C 71 -25.15 -4.09 4.73
N ARG C 72 -25.12 -4.77 3.60
CA ARG C 72 -23.88 -5.29 3.05
C ARG C 72 -22.87 -4.19 2.71
N SER C 73 -23.37 -3.01 2.37
CA SER C 73 -22.55 -1.85 2.01
C SER C 73 -22.40 -0.82 3.15
N VAL C 74 -22.79 -1.23 4.34
CA VAL C 74 -22.58 -0.44 5.54
C VAL C 74 -21.78 -1.27 6.54
N VAL C 75 -20.81 -0.62 7.16
CA VAL C 75 -20.02 -1.19 8.24
C VAL C 75 -20.97 -1.92 9.22
N ASN C 76 -20.57 -3.11 9.68
CA ASN C 76 -21.37 -3.91 10.61
C ASN C 76 -20.53 -4.33 11.81
N MET C 77 -21.01 -3.99 13.00
CA MET C 77 -20.23 -4.12 14.22
C MET C 77 -20.47 -5.50 14.73
N LYS C 78 -19.41 -6.30 14.87
CA LYS C 78 -19.57 -7.71 15.24
C LYS C 78 -19.85 -7.84 16.73
N GLU C 79 -19.05 -7.18 17.55
CA GLU C 79 -19.26 -7.15 18.98
C GLU C 79 -18.49 -5.99 19.60
N ILE C 80 -18.63 -5.83 20.90
CA ILE C 80 -17.81 -4.91 21.67
C ILE C 80 -17.06 -5.71 22.73
N VAL C 81 -15.82 -5.36 22.99
CA VAL C 81 -15.03 -6.08 23.99
C VAL C 81 -14.33 -5.07 24.89
N THR C 82 -13.59 -5.58 25.88
CA THR C 82 -13.07 -4.76 26.98
C THR C 82 -11.65 -5.14 27.39
N ASP C 83 -11.00 -4.28 28.17
CA ASP C 83 -9.63 -4.55 28.70
C ASP C 83 -9.60 -5.61 29.81
N LYS C 84 -8.38 -6.04 30.18
CA LYS C 84 -8.13 -7.13 31.12
C LYS C 84 -9.25 -7.33 32.12
N GLY C 95 -9.02 1.45 31.78
CA GLY C 95 -9.82 0.47 31.05
C GLY C 95 -10.69 1.04 29.93
N ALA C 96 -10.45 0.61 28.70
CA ALA C 96 -11.24 1.00 27.55
C ALA C 96 -12.07 -0.15 27.00
N PHE C 97 -12.91 0.19 26.03
CA PHE C 97 -13.70 -0.77 25.27
C PHE C 97 -13.29 -0.68 23.82
N TYR C 98 -13.53 -1.75 23.08
CA TYR C 98 -13.20 -1.80 21.67
C TYR C 98 -14.39 -2.26 20.85
N LEU C 99 -14.74 -1.50 19.83
CA LEU C 99 -15.80 -1.92 18.92
C LEU C 99 -15.12 -2.79 17.88
N VAL C 100 -15.74 -3.92 17.58
CA VAL C 100 -15.13 -4.91 16.71
C VAL C 100 -15.84 -4.95 15.38
N PHE C 101 -15.07 -4.73 14.31
CA PHE C 101 -15.55 -4.80 12.90
C PHE C 101 -14.72 -5.74 12.02
N GLU C 102 -15.33 -6.26 10.96
CA GLU C 102 -14.63 -7.05 9.93
C GLU C 102 -13.65 -6.13 9.20
N TYR C 103 -12.40 -6.59 9.01
CA TYR C 103 -11.31 -5.74 8.46
C TYR C 103 -11.44 -5.51 6.95
N MET C 104 -11.08 -4.29 6.53
CA MET C 104 -11.21 -3.84 5.13
C MET C 104 -9.86 -3.29 4.65
N ASP C 105 -9.42 -3.70 3.46
CA ASP C 105 -8.03 -3.53 3.08
C ASP C 105 -7.59 -2.07 2.95
N HIS C 106 -8.43 -1.22 2.35
CA HIS C 106 -8.14 0.20 2.09
C HIS C 106 -9.29 1.09 2.51
N ASP C 107 -9.02 2.39 2.68
CA ASP C 107 -10.09 3.39 2.55
C ASP C 107 -9.95 4.09 1.19
N LEU C 108 -10.98 4.79 0.74
CA LEU C 108 -10.95 5.39 -0.59
C LEU C 108 -9.91 6.49 -0.74
N MET C 109 -9.73 7.32 0.29
CA MET C 109 -8.68 8.34 0.28
C MET C 109 -7.26 7.76 0.09
N GLY C 110 -7.02 6.57 0.62
CA GLY C 110 -5.71 5.92 0.50
C GLY C 110 -5.37 5.51 -0.91
N LEU C 111 -6.33 4.95 -1.65
CA LEU C 111 -6.09 4.54 -3.04
C LEU C 111 -5.84 5.75 -3.98
N LEU C 112 -6.61 6.81 -3.79
CA LEU C 112 -6.52 8.02 -4.61
C LEU C 112 -5.27 8.86 -4.36
N GLU C 113 -4.78 8.88 -3.12
CA GLU C 113 -3.68 9.79 -2.70
C GLU C 113 -2.42 9.58 -3.51
N SER C 114 -2.21 8.36 -4.02
CA SER C 114 -1.15 8.14 -4.99
C SER C 114 -1.36 9.02 -6.26
N GLY C 115 -2.47 8.82 -6.99
CA GLY C 115 -2.66 9.39 -8.34
C GLY C 115 -2.30 8.32 -9.37
N LEU C 116 -1.72 7.24 -8.88
CA LEU C 116 -1.43 6.04 -9.66
C LEU C 116 -2.71 5.29 -10.10
N VAL C 117 -3.78 5.43 -9.32
CA VAL C 117 -4.90 4.48 -9.35
C VAL C 117 -6.07 5.00 -10.20
N HIS C 118 -6.22 4.37 -11.38
CA HIS C 118 -7.25 4.70 -12.37
C HIS C 118 -8.46 3.81 -12.04
N PHE C 119 -9.63 4.43 -11.92
CA PHE C 119 -10.86 3.67 -11.83
C PHE C 119 -11.61 3.77 -13.16
N SER C 120 -11.88 2.61 -13.75
CA SER C 120 -12.66 2.54 -14.99
C SER C 120 -14.08 3.08 -14.79
N GLU C 121 -14.76 3.34 -15.90
CA GLU C 121 -16.18 3.65 -15.86
C GLU C 121 -16.91 2.56 -15.08
N ASP C 122 -16.56 1.29 -15.30
CA ASP C 122 -17.25 0.18 -14.60
C ASP C 122 -16.85 -0.02 -13.13
N HIS C 123 -15.62 0.33 -12.76
CA HIS C 123 -15.21 0.32 -11.35
C HIS C 123 -16.07 1.32 -10.59
N ILE C 124 -16.18 2.51 -11.16
CA ILE C 124 -16.96 3.59 -10.56
C ILE C 124 -18.44 3.25 -10.48
N LYS C 125 -19.00 2.72 -11.56
CA LYS C 125 -20.38 2.23 -11.57
C LYS C 125 -20.67 1.36 -10.37
N SER C 126 -19.87 0.31 -10.23
CA SER C 126 -19.98 -0.64 -9.14
C SER C 126 -19.86 0.04 -7.78
N PHE C 127 -18.81 0.85 -7.63
CA PHE C 127 -18.52 1.53 -6.37
C PHE C 127 -19.67 2.44 -5.95
N MET C 128 -20.24 3.19 -6.88
CA MET C 128 -21.36 4.12 -6.56
C MET C 128 -22.69 3.40 -6.29
N LYS C 129 -22.97 2.30 -6.99
CA LYS C 129 -24.21 1.56 -6.76
C LYS C 129 -24.20 1.10 -5.30
N GLN C 130 -23.09 0.51 -4.88
CA GLN C 130 -22.88 0.09 -3.50
C GLN C 130 -23.01 1.26 -2.50
N LEU C 131 -22.27 2.34 -2.70
CA LEU C 131 -22.38 3.48 -1.83
C LEU C 131 -23.82 3.99 -1.71
N MET C 132 -24.50 4.19 -2.84
CA MET C 132 -25.86 4.74 -2.84
C MET C 132 -26.91 3.79 -2.26
N GLU C 133 -26.72 2.49 -2.42
CA GLU C 133 -27.61 1.52 -1.76
C GLU C 133 -27.35 1.54 -0.27
N GLY C 134 -26.09 1.69 0.12
CA GLY C 134 -25.71 1.93 1.50
C GLY C 134 -26.46 3.12 2.04
N LEU C 135 -26.30 4.26 1.39
CA LEU C 135 -26.90 5.51 1.86
C LEU C 135 -28.42 5.49 1.84
N GLU C 136 -29.03 4.87 0.84
CA GLU C 136 -30.50 4.79 0.81
C GLU C 136 -31.06 4.00 1.99
N TYR C 137 -30.38 2.90 2.34
CA TYR C 137 -30.76 2.09 3.50
C TYR C 137 -30.72 2.93 4.76
N CYS C 138 -29.65 3.69 4.93
CA CYS C 138 -29.53 4.60 6.06
C CYS C 138 -30.67 5.63 6.08
N HIS C 139 -30.84 6.34 4.98
CA HIS C 139 -31.89 7.33 4.91
C HIS C 139 -33.30 6.75 5.10
N LYS C 140 -33.61 5.60 4.49
CA LYS C 140 -34.92 4.95 4.67
C LYS C 140 -35.18 4.61 6.15
N LYS C 141 -34.12 4.45 6.94
CA LYS C 141 -34.23 4.18 8.39
C LYS C 141 -34.02 5.43 9.24
N ASN C 142 -34.21 6.60 8.62
CA ASN C 142 -34.10 7.92 9.26
C ASN C 142 -32.75 8.35 9.89
N PHE C 143 -31.63 7.94 9.30
CA PHE C 143 -30.34 8.37 9.80
C PHE C 143 -29.67 9.24 8.77
N LEU C 144 -29.05 10.31 9.24
CA LEU C 144 -28.16 11.14 8.44
C LEU C 144 -26.75 10.77 8.86
N HIS C 145 -25.88 10.55 7.88
CA HIS C 145 -24.52 10.20 8.15
C HIS C 145 -23.74 11.44 8.60
N ARG C 146 -23.83 12.50 7.81
CA ARG C 146 -23.30 13.81 8.20
C ARG C 146 -21.78 13.86 8.30
N ASP C 147 -21.07 12.85 7.82
CA ASP C 147 -19.58 12.92 7.72
C ASP C 147 -18.96 12.10 6.56
N ILE C 148 -19.68 11.97 5.45
CA ILE C 148 -19.19 11.27 4.29
C ILE C 148 -17.98 12.01 3.71
N LYS C 149 -17.03 11.23 3.20
CA LYS C 149 -15.79 11.74 2.61
C LYS C 149 -14.95 10.53 2.29
N CYS C 150 -13.94 10.70 1.45
CA CYS C 150 -13.17 9.56 0.96
C CYS C 150 -12.56 8.66 2.06
N SER C 151 -12.03 9.26 3.11
CA SER C 151 -11.46 8.49 4.23
C SER C 151 -12.51 7.72 5.06
N ASN C 152 -13.80 8.00 4.91
CA ASN C 152 -14.84 7.22 5.60
C ASN C 152 -15.59 6.27 4.66
N ILE C 153 -14.95 5.93 3.53
CA ILE C 153 -15.42 4.86 2.70
C ILE C 153 -14.33 3.80 2.59
N LEU C 154 -14.69 2.58 2.94
CA LEU C 154 -13.78 1.49 3.03
C LEU C 154 -14.05 0.60 1.86
N LEU C 155 -13.01 -0.11 1.48
CA LEU C 155 -13.03 -0.83 0.24
C LEU C 155 -11.99 -1.93 0.33
N ASN C 156 -12.41 -3.18 0.12
CA ASN C 156 -11.44 -4.29 0.13
C ASN C 156 -11.14 -4.78 -1.29
N ASN C 157 -10.30 -5.79 -1.40
CA ASN C 157 -9.81 -6.24 -2.69
C ASN C 157 -10.79 -7.11 -3.48
N SER C 158 -11.82 -7.64 -2.83
CA SER C 158 -12.91 -8.26 -3.57
C SER C 158 -13.69 -7.25 -4.42
N GLY C 159 -13.42 -5.95 -4.24
CA GLY C 159 -14.11 -4.88 -4.96
C GLY C 159 -15.32 -4.36 -4.19
N GLN C 160 -15.45 -4.80 -2.94
CA GLN C 160 -16.62 -4.53 -2.13
C GLN C 160 -16.39 -3.31 -1.23
N ILE C 161 -17.46 -2.54 -1.10
CA ILE C 161 -17.49 -1.21 -0.49
C ILE C 161 -18.25 -1.28 0.82
N LYS C 162 -17.81 -0.50 1.80
CA LYS C 162 -18.55 -0.32 3.02
C LYS C 162 -18.46 1.15 3.47
N LEU C 163 -19.60 1.73 3.82
CA LEU C 163 -19.65 3.09 4.32
C LEU C 163 -19.46 3.06 5.83
N ALA C 164 -18.62 3.96 6.34
CA ALA C 164 -18.08 3.86 7.70
C ALA C 164 -18.08 5.18 8.47
N ASP C 165 -17.56 5.15 9.70
CA ASP C 165 -17.55 6.30 10.63
C ASP C 165 -18.90 6.98 10.82
N PHE C 166 -19.75 6.42 11.69
CA PHE C 166 -21.06 7.03 12.01
C PHE C 166 -20.99 7.87 13.27
N GLY C 167 -19.80 8.40 13.55
CA GLY C 167 -19.56 9.16 14.77
C GLY C 167 -20.20 10.54 14.83
N LEU C 168 -20.75 11.02 13.70
CA LEU C 168 -21.53 12.25 13.66
C LEU C 168 -22.99 12.02 13.24
N ALA C 169 -23.38 10.77 13.01
CA ALA C 169 -24.73 10.47 12.58
C ALA C 169 -25.77 10.75 13.68
N ARG C 170 -27.04 10.74 13.26
CA ARG C 170 -28.16 11.02 14.16
C ARG C 170 -29.50 10.71 13.48
N LEU C 171 -30.52 10.46 14.31
CA LEU C 171 -31.88 10.35 13.82
C LEU C 171 -32.34 11.70 13.35
N TYR C 172 -33.06 11.72 12.23
CA TYR C 172 -33.75 12.92 11.78
C TYR C 172 -35.23 12.58 11.55
N ASN C 173 -36.05 13.61 11.54
CA ASN C 173 -37.49 13.48 11.53
C ASN C 173 -38.04 13.79 10.14
N SER C 174 -38.70 12.82 9.50
CA SER C 174 -39.31 13.02 8.17
C SER C 174 -40.80 13.43 8.19
N GLU C 175 -41.53 13.11 9.26
CA GLU C 175 -42.94 13.51 9.36
C GLU C 175 -43.11 15.03 9.52
N GLU C 176 -42.07 15.71 9.99
CA GLU C 176 -42.04 17.16 10.13
C GLU C 176 -40.57 17.59 10.03
N SER C 177 -40.26 18.88 10.21
CA SER C 177 -38.86 19.33 10.16
C SER C 177 -38.33 19.81 11.54
N ARG C 178 -37.04 19.56 11.82
CA ARG C 178 -36.41 19.96 13.09
C ARG C 178 -35.02 20.56 12.87
N PRO C 179 -34.51 21.37 13.83
CA PRO C 179 -33.19 22.02 13.78
C PRO C 179 -32.03 21.17 14.30
N TYR C 180 -31.06 20.94 13.43
CA TYR C 180 -29.89 20.14 13.78
C TYR C 180 -28.61 20.98 13.79
N TPO C 181 -27.51 20.38 14.22
CA TPO C 181 -26.23 21.07 14.31
CB TPO C 181 -25.27 20.09 14.95
CG2 TPO C 181 -23.91 20.70 15.19
OG1 TPO C 181 -25.85 19.66 16.18
P TPO C 181 -26.16 18.10 16.51
O1P TPO C 181 -26.63 18.10 17.96
O2P TPO C 181 -24.74 17.56 16.31
O3P TPO C 181 -27.20 17.60 15.50
C TPO C 181 -25.75 21.44 12.93
O TPO C 181 -25.80 20.64 12.00
N ASN C 182 -25.25 22.66 12.80
CA ASN C 182 -24.93 23.19 11.50
C ASN C 182 -23.52 22.83 11.05
N LYS C 183 -22.55 22.95 11.96
CA LYS C 183 -21.15 22.63 11.62
C LYS C 183 -21.01 21.08 11.60
N VAL C 184 -21.26 20.51 10.43
CA VAL C 184 -21.09 19.09 10.17
C VAL C 184 -20.57 18.88 8.75
N ILE C 185 -20.02 17.70 8.51
CA ILE C 185 -19.34 17.34 7.27
C ILE C 185 -18.08 18.16 7.14
N THR C 186 -16.97 17.54 6.77
CA THR C 186 -15.74 18.35 6.59
C THR C 186 -15.91 19.30 5.40
N LEU C 187 -15.27 20.45 5.54
CA LEU C 187 -15.37 21.50 4.57
C LEU C 187 -15.53 21.00 3.12
N TRP C 188 -14.58 20.21 2.62
CA TRP C 188 -14.52 19.89 1.19
C TRP C 188 -15.73 19.10 0.64
N TYR C 189 -16.51 18.47 1.51
CA TYR C 189 -17.66 17.69 1.06
C TYR C 189 -18.94 18.30 1.59
N ARG C 190 -18.83 19.50 2.15
CA ARG C 190 -19.97 20.19 2.76
C ARG C 190 -20.80 20.90 1.71
N PRO C 191 -22.11 20.70 1.71
CA PRO C 191 -22.96 21.34 0.74
C PRO C 191 -23.18 22.83 1.07
N PRO C 192 -23.70 23.60 0.11
CA PRO C 192 -23.87 25.02 0.31
C PRO C 192 -24.93 25.42 1.32
N GLU C 193 -26.00 24.65 1.48
CA GLU C 193 -27.00 25.01 2.51
C GLU C 193 -26.36 25.17 3.92
N LEU C 194 -25.42 24.29 4.25
CA LEU C 194 -24.75 24.35 5.51
C LEU C 194 -23.77 25.48 5.56
N LEU C 195 -23.11 25.75 4.44
CA LEU C 195 -22.18 26.89 4.38
C LEU C 195 -22.91 28.18 4.67
N LEU C 196 -24.13 28.30 4.16
CA LEU C 196 -24.95 29.49 4.39
C LEU C 196 -25.74 29.49 5.72
N GLY C 197 -25.58 28.46 6.55
CA GLY C 197 -26.08 28.50 7.93
C GLY C 197 -27.34 27.75 8.32
N GLU C 198 -27.91 26.99 7.38
CA GLU C 198 -29.16 26.22 7.60
C GLU C 198 -29.05 25.27 8.76
N GLU C 199 -30.12 25.18 9.54
CA GLU C 199 -30.23 24.19 10.62
C GLU C 199 -31.32 23.13 10.40
N ARG C 200 -32.30 23.45 9.56
CA ARG C 200 -33.42 22.55 9.30
C ARG C 200 -33.16 21.85 7.97
N TYR C 201 -32.07 21.09 7.95
CA TYR C 201 -31.62 20.49 6.72
C TYR C 201 -32.10 19.07 6.58
N THR C 202 -31.66 18.41 5.51
CA THR C 202 -32.29 17.20 5.05
C THR C 202 -31.22 16.20 4.64
N PRO C 203 -31.64 14.98 4.26
CA PRO C 203 -30.69 13.97 3.79
C PRO C 203 -29.94 14.37 2.53
N ALA C 204 -30.36 15.47 1.92
CA ALA C 204 -29.68 15.98 0.77
C ALA C 204 -28.25 16.38 1.06
N ILE C 205 -27.93 16.61 2.34
CA ILE C 205 -26.53 16.96 2.66
C ILE C 205 -25.58 15.78 2.39
N ASP C 206 -26.07 14.55 2.52
CA ASP C 206 -25.23 13.37 2.35
C ASP C 206 -25.03 13.11 0.85
N VAL C 207 -26.05 13.41 0.06
CA VAL C 207 -25.97 13.27 -1.39
C VAL C 207 -24.99 14.28 -2.03
N TRP C 208 -24.91 15.47 -1.49
CA TRP C 208 -23.94 16.42 -1.97
C TRP C 208 -22.55 15.84 -1.81
N SER C 209 -22.28 15.30 -0.62
CA SER C 209 -20.95 14.76 -0.31
C SER C 209 -20.62 13.62 -1.25
N CYS C 210 -21.61 12.76 -1.51
CA CYS C 210 -21.42 11.63 -2.44
C CYS C 210 -21.25 12.10 -3.89
N GLY C 211 -21.89 13.22 -4.20
CA GLY C 211 -21.71 13.86 -5.47
C GLY C 211 -20.26 14.29 -5.61
N CYS C 212 -19.68 14.81 -4.53
CA CYS C 212 -18.26 15.20 -4.53
C CYS C 212 -17.34 14.01 -4.75
N ILE C 213 -17.72 12.87 -4.19
CA ILE C 213 -16.96 11.63 -4.38
C ILE C 213 -16.96 11.29 -5.86
N LEU C 214 -18.15 11.29 -6.47
CA LEU C 214 -18.26 10.92 -7.86
C LEU C 214 -17.36 11.77 -8.75
N GLY C 215 -17.31 13.07 -8.50
CA GLY C 215 -16.39 13.92 -9.24
C GLY C 215 -14.93 13.57 -9.00
N GLU C 216 -14.57 13.44 -7.73
CA GLU C 216 -13.22 13.10 -7.34
C GLU C 216 -12.75 11.73 -7.87
N LEU C 217 -13.69 10.80 -8.10
CA LEU C 217 -13.36 9.51 -8.75
C LEU C 217 -12.91 9.65 -10.19
N PHE C 218 -13.35 10.68 -10.88
CA PHE C 218 -12.96 10.91 -12.27
C PHE C 218 -11.75 11.83 -12.40
N THR C 219 -11.44 12.62 -11.37
CA THR C 219 -10.30 13.55 -11.44
C THR C 219 -9.13 13.16 -10.58
N LYS C 220 -9.40 12.48 -9.46
CA LYS C 220 -8.37 12.10 -8.50
C LYS C 220 -7.78 13.34 -7.81
N LYS C 221 -8.59 14.38 -7.71
CA LYS C 221 -8.27 15.51 -6.88
C LYS C 221 -9.66 15.82 -6.34
N PRO C 222 -9.79 16.06 -5.04
CA PRO C 222 -11.08 16.47 -4.50
C PRO C 222 -11.50 17.76 -5.14
N ILE C 223 -12.76 17.90 -5.51
CA ILE C 223 -13.14 18.95 -6.45
C ILE C 223 -13.29 20.36 -5.88
N PHE C 224 -13.54 20.48 -4.58
CA PHE C 224 -13.61 21.78 -3.92
C PHE C 224 -12.69 21.73 -2.72
N GLN C 225 -11.54 22.38 -2.79
CA GLN C 225 -10.55 22.26 -1.74
C GLN C 225 -10.16 23.57 -1.05
N ALA C 226 -11.13 24.31 -0.54
CA ALA C 226 -10.76 25.50 0.22
C ALA C 226 -10.63 25.14 1.69
N ASN C 227 -10.07 26.04 2.46
CA ASN C 227 -10.04 25.80 3.89
C ASN C 227 -10.78 26.81 4.76
N LEU C 228 -11.33 27.86 4.15
CA LEU C 228 -12.34 28.68 4.79
C LEU C 228 -13.70 28.51 4.09
N GLU C 229 -14.78 28.78 4.81
CA GLU C 229 -16.12 28.62 4.25
C GLU C 229 -16.35 29.61 3.10
N LEU C 230 -15.95 30.85 3.29
CA LEU C 230 -16.18 31.87 2.28
C LEU C 230 -15.54 31.45 0.98
N ALA C 231 -14.35 30.85 1.08
CA ALA C 231 -13.58 30.49 -0.10
C ALA C 231 -14.19 29.25 -0.69
N GLN C 232 -14.72 28.41 0.16
CA GLN C 232 -15.36 27.20 -0.31
C GLN C 232 -16.59 27.58 -1.11
N LEU C 233 -17.33 28.59 -0.62
CA LEU C 233 -18.54 29.04 -1.30
C LEU C 233 -18.23 29.59 -2.69
N GLU C 234 -17.14 30.35 -2.76
CA GLU C 234 -16.59 30.81 -4.02
C GLU C 234 -16.32 29.66 -4.99
N LEU C 235 -15.60 28.64 -4.52
CA LEU C 235 -15.22 27.51 -5.39
C LEU C 235 -16.45 26.78 -5.93
N ILE C 236 -17.46 26.63 -5.08
CA ILE C 236 -18.68 25.91 -5.48
C ILE C 236 -19.46 26.71 -6.46
N SER C 237 -19.49 28.03 -6.21
CA SER C 237 -20.29 28.93 -7.03
C SER C 237 -19.73 28.92 -8.42
N ARG C 238 -18.42 29.08 -8.49
CA ARG C 238 -17.69 29.17 -9.73
C ARG C 238 -17.94 27.99 -10.65
N LEU C 239 -18.31 26.84 -10.10
CA LEU C 239 -18.61 25.65 -10.90
C LEU C 239 -20.11 25.38 -11.02
N CYS C 240 -20.82 25.44 -9.89
CA CYS C 240 -22.24 25.09 -9.83
C CYS C 240 -23.16 26.28 -10.02
N GLY C 241 -22.60 27.46 -10.19
CA GLY C 241 -23.40 28.68 -10.25
C GLY C 241 -23.47 29.32 -8.88
N SER C 242 -23.57 30.66 -8.85
CA SER C 242 -23.74 31.41 -7.58
C SER C 242 -25.13 31.10 -7.11
N PRO C 243 -25.32 30.87 -5.81
CA PRO C 243 -26.68 30.65 -5.36
C PRO C 243 -27.46 31.95 -5.36
N CYS C 244 -28.68 31.85 -5.89
CA CYS C 244 -29.58 32.97 -6.03
C CYS C 244 -30.99 32.43 -6.12
N PRO C 245 -31.99 33.28 -5.83
CA PRO C 245 -33.37 32.78 -5.73
C PRO C 245 -33.96 32.19 -7.02
N ALA C 246 -33.42 32.57 -8.18
CA ALA C 246 -33.91 32.02 -9.47
C ALA C 246 -33.72 30.54 -9.58
N VAL C 247 -32.60 30.06 -9.05
CA VAL C 247 -32.28 28.63 -9.04
C VAL C 247 -32.58 27.94 -7.71
N TRP C 248 -32.86 28.74 -6.68
CA TRP C 248 -33.02 28.22 -5.34
C TRP C 248 -33.81 29.24 -4.53
N PRO C 249 -35.13 29.30 -4.73
CA PRO C 249 -35.97 30.32 -4.13
C PRO C 249 -35.81 30.43 -2.64
N ASP C 250 -35.75 29.31 -1.95
CA ASP C 250 -35.67 29.38 -0.51
C ASP C 250 -34.36 29.98 0.02
N VAL C 251 -33.37 30.16 -0.83
CA VAL C 251 -32.06 30.56 -0.37
C VAL C 251 -32.07 31.87 0.42
N ILE C 252 -32.97 32.78 0.08
CA ILE C 252 -32.99 34.09 0.74
C ILE C 252 -33.38 33.95 2.18
N LYS C 253 -33.99 32.82 2.54
CA LYS C 253 -34.41 32.56 3.92
C LYS C 253 -33.28 32.04 4.83
N LEU C 254 -32.04 31.94 4.32
CA LEU C 254 -30.90 31.44 5.12
C LEU C 254 -30.10 32.55 5.84
N PRO C 255 -29.54 32.23 7.02
CA PRO C 255 -28.94 33.25 7.85
C PRO C 255 -27.78 34.01 7.23
N TYR C 256 -26.98 33.37 6.38
CA TYR C 256 -25.75 34.04 5.88
C TYR C 256 -25.83 34.34 4.39
N PHE C 257 -27.02 34.27 3.81
CA PHE C 257 -27.15 34.60 2.41
C PHE C 257 -26.78 36.06 2.11
N ASN C 258 -27.11 36.98 3.01
CA ASN C 258 -26.62 38.35 2.83
C ASN C 258 -25.16 38.55 3.21
N THR C 259 -24.69 37.86 4.24
CA THR C 259 -23.31 37.96 4.74
C THR C 259 -22.23 37.33 3.85
N MET C 260 -22.54 36.23 3.14
CA MET C 260 -21.55 35.39 2.45
C MET C 260 -21.85 35.30 1.00
N LYS C 261 -21.18 36.11 0.22
CA LYS C 261 -21.44 36.13 -1.22
C LYS C 261 -20.18 35.73 -1.97
N PRO C 262 -20.32 35.03 -3.09
CA PRO C 262 -19.22 34.94 -4.05
C PRO C 262 -18.94 36.31 -4.64
N LYS C 263 -17.79 36.48 -5.28
CA LYS C 263 -17.42 37.76 -5.87
C LYS C 263 -18.42 38.21 -6.92
N LYS C 264 -18.53 37.43 -7.99
CA LYS C 264 -19.43 37.70 -9.10
C LYS C 264 -20.68 36.81 -8.95
N GLN C 265 -21.63 36.99 -9.86
CA GLN C 265 -22.79 36.13 -9.91
C GLN C 265 -22.53 35.10 -11.01
N TYR C 266 -21.97 33.94 -10.66
CA TYR C 266 -21.45 33.02 -11.70
C TYR C 266 -22.49 32.11 -12.34
N ARG C 267 -22.22 31.76 -13.59
CA ARG C 267 -23.06 30.82 -14.32
C ARG C 267 -22.64 29.40 -14.03
N ARG C 268 -23.62 28.50 -14.01
CA ARG C 268 -23.34 27.09 -13.85
C ARG C 268 -22.58 26.65 -15.06
N ARG C 269 -21.44 26.00 -14.84
CA ARG C 269 -20.62 25.50 -15.93
C ARG C 269 -20.04 24.12 -15.62
N LEU C 270 -20.79 23.34 -14.86
CA LEU C 270 -20.37 22.02 -14.41
C LEU C 270 -20.12 21.14 -15.60
N ARG C 271 -21.02 21.19 -16.57
CA ARG C 271 -20.99 20.28 -17.70
C ARG C 271 -19.86 20.55 -18.66
N GLU C 272 -19.46 21.81 -18.80
CA GLU C 272 -18.33 22.11 -19.68
C GLU C 272 -17.02 21.73 -18.97
N GLU C 273 -16.93 21.95 -17.66
CA GLU C 273 -15.80 21.49 -16.86
C GLU C 273 -15.59 19.97 -16.82
N PHE C 274 -16.68 19.22 -16.74
CA PHE C 274 -16.62 17.75 -16.64
C PHE C 274 -17.09 17.05 -17.92
N SER C 275 -16.93 17.67 -19.08
CA SER C 275 -17.44 17.05 -20.31
C SER C 275 -16.61 15.86 -20.76
N PHE C 276 -15.42 15.67 -20.16
CA PHE C 276 -14.62 14.46 -20.42
C PHE C 276 -15.22 13.19 -19.82
N ILE C 277 -16.00 13.35 -18.76
CA ILE C 277 -16.77 12.26 -18.13
C ILE C 277 -17.78 11.69 -19.14
N PRO C 278 -18.13 10.39 -19.02
CA PRO C 278 -19.21 9.80 -19.83
C PRO C 278 -20.52 10.54 -19.60
N SER C 279 -21.44 10.52 -20.55
CA SER C 279 -22.60 11.42 -20.41
C SER C 279 -23.60 10.99 -19.30
N ALA C 280 -23.88 9.69 -19.16
CA ALA C 280 -24.79 9.19 -18.11
C ALA C 280 -24.32 9.58 -16.71
N ALA C 281 -23.00 9.55 -16.50
CA ALA C 281 -22.39 9.98 -15.24
C ALA C 281 -22.50 11.49 -15.04
N LEU C 282 -22.37 12.24 -16.13
CA LEU C 282 -22.44 13.70 -16.07
C LEU C 282 -23.83 14.14 -15.61
N ASP C 283 -24.87 13.49 -16.14
CA ASP C 283 -26.25 13.75 -15.70
C ASP C 283 -26.44 13.52 -14.20
N LEU C 284 -25.95 12.38 -13.73
CA LEU C 284 -25.96 12.05 -12.31
C LEU C 284 -25.20 13.09 -11.51
N LEU C 285 -24.00 13.41 -11.95
CA LEU C 285 -23.17 14.36 -11.21
C LEU C 285 -23.85 15.71 -11.11
N ASP C 286 -24.31 16.22 -12.25
CA ASP C 286 -25.09 17.47 -12.32
C ASP C 286 -26.22 17.46 -11.28
N HIS C 287 -26.98 16.38 -11.28
CA HIS C 287 -28.13 16.25 -10.42
C HIS C 287 -27.72 16.24 -8.94
N MET C 288 -26.67 15.50 -8.61
CA MET C 288 -26.20 15.41 -7.22
C MET C 288 -25.64 16.75 -6.71
N LEU C 289 -25.00 17.52 -7.59
CA LEU C 289 -24.46 18.81 -7.16
C LEU C 289 -25.36 19.99 -7.54
N THR C 290 -26.66 19.78 -7.47
CA THR C 290 -27.63 20.84 -7.66
C THR C 290 -27.73 21.64 -6.37
N LEU C 291 -27.67 22.97 -6.48
CA LEU C 291 -27.61 23.82 -5.29
C LEU C 291 -28.84 23.73 -4.37
N ASP C 292 -30.02 23.71 -4.94
CA ASP C 292 -31.24 23.70 -4.13
C ASP C 292 -31.44 22.28 -3.63
N PRO C 293 -31.39 22.09 -2.31
CA PRO C 293 -31.54 20.74 -1.74
C PRO C 293 -32.83 20.06 -2.14
N SER C 294 -33.91 20.81 -2.29
CA SER C 294 -35.15 20.19 -2.70
C SER C 294 -35.14 19.74 -4.18
N LYS C 295 -34.16 20.21 -4.95
CA LYS C 295 -34.01 19.84 -6.36
C LYS C 295 -32.90 18.83 -6.58
N ARG C 296 -32.01 18.74 -5.62
CA ARG C 296 -30.99 17.69 -5.60
C ARG C 296 -31.69 16.34 -5.57
N CYS C 297 -31.07 15.33 -6.16
CA CYS C 297 -31.69 14.01 -6.19
C CYS C 297 -31.49 13.27 -4.88
N THR C 298 -32.39 12.35 -4.60
CA THR C 298 -32.30 11.50 -3.42
C THR C 298 -31.44 10.29 -3.72
N ALA C 299 -31.01 9.59 -2.68
CA ALA C 299 -30.30 8.34 -2.88
C ALA C 299 -31.14 7.34 -3.68
N GLU C 300 -32.44 7.25 -3.41
CA GLU C 300 -33.32 6.37 -4.21
C GLU C 300 -33.29 6.79 -5.68
N GLN C 301 -33.32 8.10 -5.93
CA GLN C 301 -33.36 8.57 -7.31
C GLN C 301 -32.09 8.22 -8.08
N THR C 302 -30.92 8.43 -7.46
CA THR C 302 -29.64 8.06 -8.10
C THR C 302 -29.66 6.64 -8.65
N LEU C 303 -30.27 5.73 -7.92
CA LEU C 303 -30.23 4.30 -8.26
C LEU C 303 -31.10 3.96 -9.47
N GLN C 304 -31.90 4.93 -9.93
CA GLN C 304 -32.68 4.80 -11.15
C GLN C 304 -32.03 5.59 -12.30
N SER C 305 -30.97 6.34 -12.01
CA SER C 305 -30.22 7.06 -13.06
C SER C 305 -29.69 6.10 -14.10
N ASP C 306 -29.41 6.59 -15.30
CA ASP C 306 -28.91 5.72 -16.35
C ASP C 306 -27.52 5.20 -16.02
N PHE C 307 -26.75 5.97 -15.26
CA PHE C 307 -25.42 5.55 -14.87
C PHE C 307 -25.42 4.29 -13.98
N LEU C 308 -26.44 4.15 -13.12
CA LEU C 308 -26.47 3.12 -12.05
C LEU C 308 -27.59 2.07 -12.19
N LYS C 309 -28.54 2.36 -13.07
CA LYS C 309 -29.81 1.62 -13.18
C LYS C 309 -29.63 0.10 -13.33
N ASP C 310 -28.60 -0.32 -14.08
CA ASP C 310 -28.52 -1.72 -14.52
C ASP C 310 -27.32 -2.49 -14.00
N VAL C 311 -26.53 -1.83 -13.14
CA VAL C 311 -25.24 -2.36 -12.71
C VAL C 311 -25.46 -3.63 -11.86
N GLU C 312 -24.98 -4.80 -12.34
CA GLU C 312 -25.25 -6.10 -11.64
C GLU C 312 -24.11 -6.56 -10.70
N PRO D 23 -29.95 -10.25 21.68
CA PRO D 23 -30.12 -11.00 22.93
C PRO D 23 -31.59 -11.19 23.36
N CYS D 24 -31.82 -12.19 24.21
CA CYS D 24 -33.14 -12.50 24.75
C CYS D 24 -33.21 -11.96 26.17
N TRP D 25 -34.14 -11.03 26.44
CA TRP D 25 -34.31 -10.49 27.82
C TRP D 25 -35.57 -10.96 28.56
N TYR D 26 -36.04 -12.18 28.28
CA TYR D 26 -37.27 -12.72 28.89
C TYR D 26 -37.13 -14.11 29.52
N TRP D 27 -37.77 -14.25 30.68
CA TRP D 27 -37.70 -15.43 31.52
C TRP D 27 -39.11 -15.96 31.85
N ASP D 28 -39.23 -17.26 32.11
CA ASP D 28 -40.44 -17.81 32.76
C ASP D 28 -40.43 -17.33 34.20
N LYS D 29 -41.59 -17.36 34.86
CA LYS D 29 -41.68 -17.10 36.31
C LYS D 29 -40.84 -18.13 37.13
N LYS D 30 -40.75 -19.37 36.64
CA LYS D 30 -39.90 -20.40 37.25
C LYS D 30 -38.42 -19.96 37.39
N ASP D 31 -37.84 -19.42 36.31
CA ASP D 31 -36.39 -19.13 36.26
C ASP D 31 -36.02 -17.77 36.88
N LEU D 32 -37.04 -16.94 37.11
CA LEU D 32 -36.84 -15.63 37.74
C LEU D 32 -36.49 -15.78 39.18
N ALA D 33 -37.03 -16.80 39.83
CA ALA D 33 -36.71 -17.08 41.23
C ALA D 33 -35.30 -17.63 41.41
N HIS D 34 -34.57 -17.87 40.31
CA HIS D 34 -33.21 -18.42 40.37
C HIS D 34 -32.14 -17.38 39.99
N THR D 35 -32.03 -16.36 40.82
CA THR D 35 -31.11 -15.26 40.61
C THR D 35 -29.77 -15.48 41.30
N PRO D 36 -28.76 -14.66 40.96
CA PRO D 36 -27.51 -14.58 41.69
C PRO D 36 -27.70 -14.27 43.16
N SER D 37 -28.68 -13.42 43.50
CA SER D 37 -28.98 -13.09 44.89
C SER D 37 -29.54 -14.32 45.65
N GLN D 38 -30.23 -15.22 44.94
CA GLN D 38 -30.77 -16.44 45.58
C GLN D 38 -29.69 -17.48 45.73
N LEU D 39 -28.80 -17.66 44.74
CA LEU D 39 -27.64 -18.56 44.96
C LEU D 39 -26.82 -18.07 46.17
N GLU D 40 -26.80 -16.76 46.44
CA GLU D 40 -26.03 -16.20 47.58
C GLU D 40 -26.79 -16.01 48.92
N GLY D 41 -27.94 -16.66 49.07
CA GLY D 41 -28.62 -16.74 50.38
C GLY D 41 -29.76 -15.77 50.63
N LEU D 42 -30.04 -14.88 49.70
CA LEU D 42 -31.08 -13.90 49.92
C LEU D 42 -32.47 -14.45 49.62
N ASP D 43 -33.42 -14.33 50.56
CA ASP D 43 -34.74 -14.91 50.34
C ASP D 43 -35.62 -14.05 49.42
N PRO D 44 -36.57 -14.70 48.72
CA PRO D 44 -37.32 -14.05 47.65
C PRO D 44 -38.06 -12.76 48.06
N ALA D 45 -38.55 -12.73 49.30
CA ALA D 45 -39.28 -11.56 49.77
C ALA D 45 -38.32 -10.39 49.78
N THR D 46 -37.16 -10.59 50.39
CA THR D 46 -36.18 -9.53 50.45
C THR D 46 -35.73 -9.11 49.07
N GLU D 47 -35.58 -10.05 48.14
CA GLU D 47 -35.17 -9.66 46.81
C GLU D 47 -36.25 -8.80 46.20
N ALA D 48 -37.52 -9.17 46.39
CA ALA D 48 -38.63 -8.44 45.74
C ALA D 48 -38.72 -7.03 46.33
N ARG D 49 -38.54 -6.93 47.64
CA ARG D 49 -38.46 -5.64 48.30
C ARG D 49 -37.31 -4.82 47.76
N TYR D 50 -36.11 -5.38 47.65
CA TYR D 50 -34.98 -4.61 47.11
C TYR D 50 -35.26 -4.11 45.69
N ARG D 51 -35.96 -4.92 44.90
CA ARG D 51 -36.33 -4.50 43.53
C ARG D 51 -37.29 -3.32 43.52
N ARG D 52 -38.34 -3.36 44.35
CA ARG D 52 -39.31 -2.25 44.44
C ARG D 52 -38.65 -0.99 44.96
N GLU D 53 -37.91 -1.11 46.05
CA GLU D 53 -37.18 0.04 46.59
C GLU D 53 -36.28 0.66 45.50
N GLY D 54 -35.53 -0.18 44.77
CA GLY D 54 -34.62 0.32 43.75
C GLY D 54 -35.32 1.05 42.62
N ALA D 55 -36.38 0.43 42.09
CA ALA D 55 -37.16 0.99 40.99
C ALA D 55 -37.82 2.30 41.44
N ARG D 56 -38.47 2.29 42.60
CA ARG D 56 -39.04 3.52 43.13
C ARG D 56 -37.99 4.56 43.31
N PHE D 57 -36.80 4.17 43.78
CA PHE D 57 -35.72 5.14 43.94
C PHE D 57 -35.41 5.80 42.59
N ILE D 58 -35.22 4.99 41.56
CA ILE D 58 -34.98 5.54 40.22
C ILE D 58 -36.10 6.47 39.81
N PHE D 59 -37.33 6.05 40.02
CA PHE D 59 -38.50 6.85 39.65
C PHE D 59 -38.49 8.18 40.41
N ASP D 60 -38.21 8.14 41.70
CA ASP D 60 -38.19 9.37 42.52
C ASP D 60 -37.06 10.31 42.14
N VAL D 61 -35.87 9.79 41.92
CA VAL D 61 -34.75 10.62 41.54
C VAL D 61 -35.01 11.32 40.20
N GLY D 62 -35.39 10.53 39.21
CA GLY D 62 -35.61 11.04 37.85
C GLY D 62 -36.72 12.07 37.83
N THR D 63 -37.81 11.77 38.54
CA THR D 63 -38.91 12.71 38.64
C THR D 63 -38.42 14.03 39.27
N ARG D 64 -37.64 13.95 40.33
CA ARG D 64 -37.11 15.19 40.88
C ARG D 64 -36.21 15.94 39.87
N LEU D 65 -35.46 15.22 39.03
CA LEU D 65 -34.64 15.89 38.01
C LEU D 65 -35.40 16.34 36.76
N GLY D 66 -36.70 16.08 36.67
CA GLY D 66 -37.48 16.50 35.52
C GLY D 66 -37.38 15.58 34.32
N LEU D 67 -36.85 14.39 34.53
CA LEU D 67 -36.72 13.43 33.45
C LEU D 67 -38.06 12.81 33.23
N HIS D 68 -38.31 12.35 32.01
CA HIS D 68 -39.64 11.91 31.67
C HIS D 68 -39.77 10.42 31.45
N TYR D 69 -41.00 9.98 31.21
CA TYR D 69 -41.38 8.61 31.51
C TYR D 69 -40.53 7.50 30.85
N ASP D 70 -40.06 7.72 29.62
CA ASP D 70 -39.27 6.73 28.91
C ASP D 70 -37.85 6.56 29.53
N THR D 71 -37.26 7.68 29.94
CA THR D 71 -35.92 7.67 30.53
C THR D 71 -35.96 6.90 31.84
N LEU D 72 -36.93 7.24 32.68
CA LEU D 72 -37.13 6.55 33.96
C LEU D 72 -37.31 5.07 33.71
N ALA D 73 -38.12 4.70 32.72
CA ALA D 73 -38.42 3.31 32.48
C ALA D 73 -37.19 2.59 31.96
N THR D 74 -36.51 3.18 30.96
CA THR D 74 -35.27 2.60 30.49
C THR D 74 -34.32 2.31 31.68
N GLY D 75 -34.12 3.28 32.56
CA GLY D 75 -33.23 3.05 33.72
C GLY D 75 -33.68 1.86 34.60
N ILE D 76 -34.97 1.78 34.82
CA ILE D 76 -35.52 0.71 35.62
C ILE D 76 -35.36 -0.66 34.92
N ILE D 77 -35.45 -0.70 33.60
CA ILE D 77 -35.23 -1.97 32.89
C ILE D 77 -33.78 -2.41 33.04
N TYR D 78 -32.84 -1.49 32.84
CA TYR D 78 -31.44 -1.80 33.08
C TYR D 78 -31.21 -2.38 34.48
N PHE D 79 -31.79 -1.72 35.47
CA PHE D 79 -31.73 -2.16 36.85
C PHE D 79 -32.24 -3.58 37.04
N HIS D 80 -33.43 -3.90 36.51
CA HIS D 80 -33.97 -5.28 36.62
C HIS D 80 -33.12 -6.31 35.88
N ARG D 81 -32.60 -5.96 34.72
CA ARG D 81 -31.77 -6.90 33.96
C ARG D 81 -30.44 -7.13 34.63
N PHE D 82 -29.83 -6.05 35.13
CA PHE D 82 -28.54 -6.12 35.80
C PHE D 82 -28.56 -7.16 36.92
N TYR D 83 -29.64 -7.19 37.72
CA TYR D 83 -29.75 -8.12 38.86
C TYR D 83 -30.20 -9.55 38.53
N MET D 84 -30.34 -9.85 37.23
CA MET D 84 -30.35 -11.24 36.78
C MET D 84 -28.94 -11.81 36.54
N PHE D 85 -27.92 -10.98 36.71
CA PHE D 85 -26.54 -11.42 36.47
C PHE D 85 -25.62 -11.09 37.61
N HIS D 86 -26.07 -10.25 38.54
CA HIS D 86 -25.32 -9.94 39.75
C HIS D 86 -26.24 -9.95 40.97
N SER D 87 -25.64 -10.02 42.15
CA SER D 87 -26.45 -10.12 43.37
C SER D 87 -26.42 -8.82 44.15
N PHE D 88 -27.52 -8.56 44.88
CA PHE D 88 -27.62 -7.37 45.74
C PHE D 88 -26.59 -7.36 46.85
N LYS D 89 -26.15 -8.55 47.29
CA LYS D 89 -25.15 -8.67 48.35
C LYS D 89 -23.87 -7.98 47.85
N GLN D 90 -23.64 -8.02 46.54
CA GLN D 90 -22.41 -7.44 45.97
C GLN D 90 -22.61 -6.03 45.44
N PHE D 91 -23.77 -5.77 44.83
CA PHE D 91 -24.07 -4.44 44.30
C PHE D 91 -25.24 -3.80 45.08
N PRO D 92 -24.90 -2.89 46.00
CA PRO D 92 -25.92 -2.14 46.68
C PRO D 92 -26.84 -1.43 45.67
N ARG D 93 -28.12 -1.46 45.98
CA ARG D 93 -29.17 -1.14 45.01
C ARG D 93 -29.33 0.34 44.64
N TYR D 94 -29.14 1.25 45.58
CA TYR D 94 -29.32 2.67 45.28
C TYR D 94 -28.19 3.19 44.40
N VAL D 95 -27.00 2.62 44.55
CA VAL D 95 -25.90 2.96 43.66
C VAL D 95 -26.24 2.49 42.26
N THR D 96 -26.70 1.23 42.14
CA THR D 96 -26.99 0.64 40.85
C THR D 96 -28.13 1.41 40.15
N GLY D 97 -29.14 1.78 40.93
CA GLY D 97 -30.21 2.63 40.46
C GLY D 97 -29.71 3.94 39.88
N ALA D 98 -28.84 4.65 40.61
CA ALA D 98 -28.30 5.91 40.15
C ALA D 98 -27.48 5.74 38.88
N CYS D 99 -26.79 4.61 38.78
CA CYS D 99 -26.01 4.30 37.59
C CYS D 99 -26.92 4.04 36.40
N CYS D 100 -28.01 3.30 36.61
CA CYS D 100 -28.89 2.94 35.51
C CYS D 100 -29.56 4.20 34.98
N LEU D 101 -29.93 5.10 35.87
CA LEU D 101 -30.61 6.33 35.44
C LEU D 101 -29.68 7.23 34.64
N PHE D 102 -28.43 7.31 35.10
CA PHE D 102 -27.39 8.12 34.48
C PHE D 102 -27.18 7.70 33.04
N LEU D 103 -27.07 6.40 32.85
CA LEU D 103 -26.91 5.82 31.51
C LEU D 103 -28.17 6.00 30.67
N ALA D 104 -29.33 5.75 31.26
CA ALA D 104 -30.61 5.97 30.54
C ALA D 104 -30.75 7.39 29.98
N GLY D 105 -30.24 8.37 30.72
CA GLY D 105 -30.36 9.76 30.33
C GLY D 105 -29.56 10.02 29.10
N LYS D 106 -28.43 9.32 28.98
CA LYS D 106 -27.58 9.43 27.82
C LYS D 106 -28.20 8.71 26.65
N VAL D 107 -28.73 7.53 26.89
CA VAL D 107 -29.36 6.74 25.82
C VAL D 107 -30.56 7.45 25.22
N GLU D 108 -31.43 7.98 26.07
CA GLU D 108 -32.64 8.66 25.63
C GLU D 108 -32.44 10.15 25.30
N GLU D 109 -31.20 10.60 25.23
CA GLU D 109 -30.91 11.98 24.83
C GLU D 109 -31.51 13.05 25.76
N THR D 110 -31.54 12.73 27.03
CA THR D 110 -31.96 13.64 28.08
C THR D 110 -30.88 13.57 29.15
N PRO D 111 -29.63 13.84 28.76
CA PRO D 111 -28.53 13.60 29.69
C PRO D 111 -28.57 14.50 30.93
N LYS D 112 -28.12 13.95 32.06
CA LYS D 112 -27.89 14.70 33.31
C LYS D 112 -26.49 14.45 33.83
N LYS D 113 -25.90 15.46 34.45
CA LYS D 113 -24.56 15.31 35.02
C LYS D 113 -24.57 14.41 36.26
N CYS D 114 -23.53 13.59 36.38
CA CYS D 114 -23.43 12.66 37.48
C CYS D 114 -23.52 13.38 38.81
N LYS D 115 -22.81 14.51 38.95
CA LYS D 115 -22.98 15.35 40.15
C LYS D 115 -24.46 15.63 40.54
N ASP D 116 -25.32 15.91 39.57
CA ASP D 116 -26.74 16.20 39.86
C ASP D 116 -27.54 14.98 40.30
N ILE D 117 -27.16 13.82 39.79
CA ILE D 117 -27.82 12.59 40.16
C ILE D 117 -27.49 12.22 41.61
N ILE D 118 -26.22 12.38 41.98
CA ILE D 118 -25.80 12.19 43.37
C ILE D 118 -26.53 13.16 44.33
N LYS D 119 -26.49 14.46 44.04
CA LYS D 119 -27.22 15.43 44.87
C LYS D 119 -28.66 15.00 45.14
N THR D 120 -29.36 14.73 44.05
CA THR D 120 -30.74 14.28 44.14
C THR D 120 -30.89 12.97 44.94
N ALA D 121 -29.98 12.03 44.73
CA ALA D 121 -29.99 10.78 45.48
C ALA D 121 -29.86 11.06 46.95
N ARG D 122 -28.87 11.89 47.27
CA ARG D 122 -28.58 12.25 48.62
C ARG D 122 -29.79 12.94 49.21
N SER D 123 -30.49 13.76 48.44
CA SER D 123 -31.66 14.44 48.97
C SER D 123 -32.74 13.47 49.41
N LEU D 124 -32.85 12.33 48.72
CA LEU D 124 -33.88 11.35 49.02
C LEU D 124 -33.46 10.27 50.02
N LEU D 125 -32.17 10.09 50.27
CA LEU D 125 -31.73 9.01 51.15
C LEU D 125 -31.36 9.49 52.55
N ASN D 126 -31.18 8.57 53.48
CA ASN D 126 -30.71 8.92 54.82
C ASN D 126 -29.26 8.51 54.99
N ASP D 127 -28.64 8.85 56.12
CA ASP D 127 -27.20 8.60 56.29
C ASP D 127 -26.83 7.14 56.05
N VAL D 128 -27.65 6.22 56.52
CA VAL D 128 -27.39 4.79 56.36
C VAL D 128 -27.50 4.41 54.89
N GLN D 129 -28.63 4.73 54.29
CA GLN D 129 -28.88 4.35 52.89
C GLN D 129 -27.82 4.93 51.92
N PHE D 130 -27.41 6.18 52.16
CA PHE D 130 -26.44 6.85 51.32
C PHE D 130 -25.06 6.33 51.56
N GLY D 131 -24.86 5.67 52.71
CA GLY D 131 -23.58 5.03 53.00
C GLY D 131 -23.14 4.14 51.86
N GLN D 132 -24.10 3.46 51.21
CA GLN D 132 -23.83 2.59 50.08
C GLN D 132 -22.95 3.23 49.00
N PHE D 133 -23.03 4.55 48.85
CA PHE D 133 -22.27 5.29 47.85
C PHE D 133 -20.78 5.43 48.18
N GLY D 134 -20.44 5.32 49.46
CA GLY D 134 -19.05 5.32 49.89
C GLY D 134 -18.36 6.66 49.87
N ASP D 135 -17.03 6.61 50.02
CA ASP D 135 -16.16 7.79 50.08
C ASP D 135 -16.30 8.72 48.87
N ASP D 136 -16.34 8.13 47.67
CA ASP D 136 -16.44 8.90 46.42
C ASP D 136 -17.70 8.46 45.67
N PRO D 137 -18.83 9.13 45.96
CA PRO D 137 -20.09 8.66 45.39
C PRO D 137 -20.02 8.65 43.88
N LYS D 138 -19.40 9.68 43.30
CA LYS D 138 -19.31 9.78 41.86
C LYS D 138 -18.52 8.62 41.25
N GLU D 139 -17.34 8.34 41.80
CA GLU D 139 -16.49 7.25 41.29
C GLU D 139 -17.19 5.91 41.35
N GLU D 140 -17.88 5.62 42.45
CA GLU D 140 -18.59 4.37 42.59
C GLU D 140 -19.60 4.18 41.45
N VAL D 141 -20.24 5.26 41.05
CA VAL D 141 -21.19 5.17 39.94
C VAL D 141 -20.50 5.01 38.56
N MET D 142 -19.41 5.72 38.28
CA MET D 142 -18.73 5.63 36.98
C MET D 142 -18.17 4.24 36.76
N VAL D 143 -17.50 3.75 37.78
CA VAL D 143 -16.99 2.37 37.83
C VAL D 143 -18.06 1.36 37.53
N LEU D 144 -19.23 1.55 38.13
CA LEU D 144 -20.32 0.62 37.92
C LEU D 144 -20.88 0.64 36.49
N GLU D 145 -20.75 1.78 35.80
CA GLU D 145 -21.25 1.96 34.45
C GLU D 145 -20.54 1.02 33.49
N ARG D 146 -19.25 0.81 33.72
CA ARG D 146 -18.49 -0.10 32.90
C ARG D 146 -19.12 -1.49 32.99
N ILE D 147 -19.49 -1.89 34.20
CA ILE D 147 -20.04 -3.21 34.41
C ILE D 147 -21.44 -3.29 33.90
N LEU D 148 -22.21 -2.25 34.12
CA LEU D 148 -23.58 -2.22 33.67
C LEU D 148 -23.67 -2.47 32.17
N LEU D 149 -22.91 -1.69 31.41
CA LEU D 149 -22.85 -1.81 29.94
C LEU D 149 -22.46 -3.21 29.46
N GLN D 150 -21.50 -3.83 30.13
CA GLN D 150 -21.11 -5.18 29.79
C GLN D 150 -22.25 -6.09 30.08
N THR D 151 -22.87 -5.90 31.24
CA THR D 151 -23.92 -6.80 31.68
C THR D 151 -25.11 -6.79 30.73
N ILE D 152 -25.50 -5.59 30.25
CA ILE D 152 -26.66 -5.47 29.38
C ILE D 152 -26.24 -5.60 27.93
N LYS D 153 -24.99 -6.00 27.71
CA LYS D 153 -24.47 -6.37 26.38
C LYS D 153 -24.62 -5.27 25.35
N PHE D 154 -24.50 -4.03 25.82
CA PHE D 154 -24.75 -2.82 25.02
C PHE D 154 -26.06 -2.86 24.21
N ASP D 155 -27.07 -3.60 24.65
CA ASP D 155 -28.37 -3.56 24.00
C ASP D 155 -29.10 -2.45 24.72
N LEU D 156 -28.90 -1.23 24.25
CA LEU D 156 -29.31 -0.03 24.94
C LEU D 156 -30.74 0.42 24.61
N GLN D 157 -31.18 0.12 23.39
CA GLN D 157 -32.49 0.53 22.92
C GLN D 157 -33.55 -0.32 23.60
N VAL D 158 -34.57 0.31 24.15
CA VAL D 158 -35.67 -0.38 24.83
C VAL D 158 -36.99 0.35 24.60
N GLU D 159 -38.05 -0.42 24.38
CA GLU D 159 -39.35 0.13 24.20
C GLU D 159 -40.15 -0.20 25.44
N HIS D 160 -41.14 0.61 25.75
CA HIS D 160 -41.91 0.40 26.98
C HIS D 160 -43.40 0.33 26.67
N PRO D 161 -44.22 -0.02 27.67
CA PRO D 161 -45.65 -0.21 27.38
C PRO D 161 -46.39 1.08 27.01
N TYR D 162 -45.85 2.22 27.46
CA TYR D 162 -46.57 3.47 27.33
C TYR D 162 -46.92 3.71 25.87
N GLN D 163 -45.91 3.61 25.00
CA GLN D 163 -46.17 3.86 23.58
C GLN D 163 -47.30 2.99 22.99
N PHE D 164 -47.42 1.75 23.44
CA PHE D 164 -48.42 0.84 22.92
C PHE D 164 -49.78 1.07 23.57
N LEU D 165 -49.76 1.47 24.84
CA LEU D 165 -50.97 1.89 25.47
C LEU D 165 -51.66 3.00 24.64
N LEU D 166 -50.86 3.98 24.20
CA LEU D 166 -51.38 5.11 23.45
C LEU D 166 -51.78 4.74 22.02
N LYS D 167 -51.05 3.84 21.39
CA LYS D 167 -51.40 3.47 20.03
C LYS D 167 -52.69 2.66 20.04
N TYR D 168 -52.81 1.74 20.98
CA TYR D 168 -53.96 0.84 21.02
C TYR D 168 -55.20 1.60 21.44
N ALA D 169 -55.06 2.50 22.41
CA ALA D 169 -56.23 3.26 22.88
C ALA D 169 -56.73 4.28 21.85
N LYS D 170 -55.81 4.75 21.01
CA LYS D 170 -56.13 5.73 19.98
C LYS D 170 -57.07 5.12 18.95
N GLN D 171 -57.06 3.79 18.84
CA GLN D 171 -57.83 3.09 17.84
C GLN D 171 -59.20 2.68 18.32
N LEU D 172 -59.50 2.88 19.59
CA LEU D 172 -60.86 2.67 20.07
C LEU D 172 -61.71 3.91 19.68
N LYS D 173 -62.98 3.69 19.34
CA LYS D 173 -63.89 4.75 18.95
C LYS D 173 -65.13 4.60 19.82
N GLY D 174 -65.54 5.67 20.49
CA GLY D 174 -66.61 5.63 21.50
C GLY D 174 -66.41 6.73 22.55
N ASP D 175 -67.15 6.67 23.65
CA ASP D 175 -67.08 7.72 24.64
C ASP D 175 -65.62 8.08 24.95
N LYS D 176 -65.25 9.33 24.62
CA LYS D 176 -63.90 9.85 24.85
C LYS D 176 -63.54 10.01 26.31
N ASN D 177 -64.51 10.35 27.15
CA ASN D 177 -64.25 10.45 28.59
C ASN D 177 -63.89 9.12 29.26
N LYS D 178 -64.70 8.09 28.96
CA LYS D 178 -64.46 6.75 29.46
C LYS D 178 -63.14 6.20 28.93
N ILE D 179 -62.91 6.33 27.62
CA ILE D 179 -61.63 5.91 26.99
C ILE D 179 -60.42 6.61 27.63
N GLN D 180 -60.53 7.90 27.90
CA GLN D 180 -59.46 8.69 28.54
C GLN D 180 -59.21 8.26 29.99
N LYS D 181 -60.28 7.93 30.72
CA LYS D 181 -60.17 7.41 32.08
C LYS D 181 -59.47 6.04 32.10
N LEU D 182 -59.80 5.21 31.13
CA LEU D 182 -59.20 3.91 30.98
C LEU D 182 -57.73 4.01 30.74
N VAL D 183 -57.34 4.88 29.81
CA VAL D 183 -55.93 5.11 29.52
C VAL D 183 -55.21 5.66 30.75
N GLN D 184 -55.87 6.54 31.47
CA GLN D 184 -55.17 7.19 32.54
C GLN D 184 -54.91 6.21 33.68
N MET D 185 -55.85 5.31 33.92
CA MET D 185 -55.68 4.29 34.94
C MET D 185 -54.62 3.31 34.49
N ALA D 186 -54.68 2.93 33.23
CA ALA D 186 -53.76 1.96 32.68
C ALA D 186 -52.34 2.51 32.72
N TRP D 187 -52.20 3.80 32.51
CA TRP D 187 -50.91 4.46 32.61
C TRP D 187 -50.26 4.28 33.98
N THR D 188 -51.05 4.52 35.01
CA THR D 188 -50.60 4.38 36.40
C THR D 188 -50.22 2.94 36.64
N PHE D 189 -51.03 2.02 36.14
CA PHE D 189 -50.73 0.60 36.26
C PHE D 189 -49.41 0.24 35.57
N VAL D 190 -49.01 0.97 34.54
CA VAL D 190 -47.69 0.71 33.92
C VAL D 190 -46.59 1.18 34.89
N ASN D 191 -46.71 2.39 35.42
CA ASN D 191 -45.78 2.87 36.44
C ASN D 191 -45.62 1.84 37.51
N ASP D 192 -46.74 1.28 37.97
CA ASP D 192 -46.67 0.31 39.04
C ASP D 192 -45.97 -0.97 38.62
N SER D 193 -46.19 -1.38 37.38
CA SER D 193 -45.64 -2.64 36.92
C SER D 193 -44.13 -2.59 36.98
N LEU D 194 -43.58 -1.39 36.84
CA LEU D 194 -42.14 -1.24 36.84
C LEU D 194 -41.44 -1.63 38.14
N CYS D 195 -42.14 -1.63 39.26
CA CYS D 195 -41.56 -2.12 40.53
C CYS D 195 -41.34 -3.63 40.52
N THR D 196 -41.98 -4.32 39.58
CA THR D 196 -41.96 -5.78 39.51
C THR D 196 -41.03 -6.25 38.43
N THR D 197 -40.91 -7.58 38.33
CA THR D 197 -40.17 -8.22 37.25
C THR D 197 -40.99 -8.46 35.96
N LEU D 198 -42.12 -7.76 35.81
CA LEU D 198 -42.97 -8.00 34.63
C LEU D 198 -42.29 -7.68 33.31
N SER D 199 -41.36 -6.74 33.31
CA SER D 199 -40.60 -6.39 32.10
C SER D 199 -39.61 -7.46 31.73
N LEU D 200 -39.36 -8.41 32.64
CA LEU D 200 -38.47 -9.53 32.33
C LEU D 200 -39.30 -10.74 31.89
N GLN D 201 -40.62 -10.67 31.99
CA GLN D 201 -41.49 -11.80 31.65
C GLN D 201 -42.20 -11.63 30.33
N TRP D 202 -42.63 -10.40 30.07
CA TRP D 202 -43.50 -10.14 28.95
C TRP D 202 -43.10 -8.90 28.19
N GLU D 203 -43.24 -8.96 26.86
CA GLU D 203 -42.94 -7.82 26.00
C GLU D 203 -43.86 -6.67 26.32
N PRO D 204 -43.38 -5.46 26.04
CA PRO D 204 -44.16 -4.29 26.46
C PRO D 204 -45.54 -4.26 25.78
N GLU D 205 -45.63 -4.78 24.57
CA GLU D 205 -46.93 -4.87 23.88
C GLU D 205 -47.99 -5.55 24.74
N ILE D 206 -47.58 -6.63 25.40
CA ILE D 206 -48.48 -7.47 26.20
C ILE D 206 -48.81 -6.78 27.50
N ILE D 207 -47.82 -6.18 28.16
CA ILE D 207 -48.07 -5.40 29.36
C ILE D 207 -49.17 -4.37 29.12
N ALA D 208 -49.03 -3.61 28.04
CA ALA D 208 -50.03 -2.64 27.61
C ALA D 208 -51.47 -3.17 27.54
N VAL D 209 -51.64 -4.25 26.82
CA VAL D 209 -52.94 -4.90 26.71
C VAL D 209 -53.49 -5.31 28.08
N ALA D 210 -52.60 -5.83 28.93
CA ALA D 210 -52.97 -6.24 30.29
C ALA D 210 -53.43 -5.06 31.17
N VAL D 211 -52.71 -3.94 31.14
CA VAL D 211 -53.12 -2.80 31.97
C VAL D 211 -54.42 -2.21 31.48
N MET D 212 -54.64 -2.26 30.17
CA MET D 212 -55.95 -1.90 29.61
C MET D 212 -57.02 -2.84 30.13
N TYR D 213 -56.70 -4.12 30.16
CA TYR D 213 -57.64 -5.13 30.59
C TYR D 213 -58.02 -4.98 32.06
N LEU D 214 -56.99 -4.76 32.88
CA LEU D 214 -57.16 -4.46 34.29
C LEU D 214 -58.00 -3.19 34.50
N ALA D 215 -57.64 -2.12 33.80
CA ALA D 215 -58.41 -0.90 33.86
C ALA D 215 -59.87 -1.18 33.53
N GLY D 216 -60.04 -1.98 32.48
CA GLY D 216 -61.32 -2.42 32.00
C GLY D 216 -62.16 -3.04 33.07
N ARG D 217 -61.59 -3.99 33.81
CA ARG D 217 -62.31 -4.63 34.90
C ARG D 217 -62.70 -3.65 35.98
N LEU D 218 -61.73 -2.88 36.49
CA LEU D 218 -62.00 -2.02 37.64
C LEU D 218 -62.95 -0.86 37.36
N CYS D 219 -62.93 -0.31 36.14
CA CYS D 219 -63.93 0.71 35.73
C CYS D 219 -65.26 0.11 35.23
N LYS D 220 -65.25 -1.20 34.98
CA LYS D 220 -66.41 -1.93 34.46
C LYS D 220 -66.81 -1.45 33.08
N PHE D 221 -65.80 -1.24 32.24
CA PHE D 221 -65.98 -0.94 30.85
C PHE D 221 -65.80 -2.24 30.06
N GLU D 222 -66.79 -2.55 29.25
CA GLU D 222 -66.67 -3.58 28.23
C GLU D 222 -65.92 -2.95 27.06
N ILE D 223 -64.65 -3.29 26.89
CA ILE D 223 -63.78 -2.66 25.88
C ILE D 223 -64.11 -3.08 24.45
N GLN D 224 -64.59 -4.30 24.26
CA GLN D 224 -65.02 -4.75 22.91
C GLN D 224 -66.00 -3.80 22.21
N GLU D 225 -66.79 -3.07 23.00
CA GLU D 225 -67.83 -2.17 22.46
C GLU D 225 -67.27 -0.96 21.72
N TRP D 226 -66.02 -0.64 22.01
CA TRP D 226 -65.29 0.42 21.31
C TRP D 226 -64.46 -0.11 20.14
N THR D 227 -64.56 -1.40 19.84
CA THR D 227 -63.85 -1.95 18.70
C THR D 227 -64.84 -2.18 17.60
N SER D 228 -64.30 -2.42 16.41
CA SER D 228 -65.08 -2.83 15.23
C SER D 228 -66.05 -4.02 15.48
N LYS D 229 -65.67 -4.96 16.37
CA LYS D 229 -66.42 -6.19 16.67
C LYS D 229 -66.98 -6.19 18.08
N PRO D 230 -68.13 -5.56 18.30
CA PRO D 230 -68.63 -5.42 19.69
C PRO D 230 -69.03 -6.74 20.36
N MET D 231 -69.37 -7.75 19.55
CA MET D 231 -69.81 -9.07 20.08
C MET D 231 -68.61 -9.91 20.62
N TYR D 232 -67.39 -9.52 20.24
CA TYR D 232 -66.21 -10.39 20.40
C TYR D 232 -65.35 -10.02 21.62
N ARG D 233 -65.46 -10.90 22.61
CA ARG D 233 -64.85 -10.80 23.94
C ARG D 233 -63.38 -10.40 23.92
N ARG D 234 -62.61 -11.04 23.05
CA ARG D 234 -61.14 -10.86 23.00
C ARG D 234 -60.74 -9.63 22.16
N TRP D 235 -61.07 -8.47 22.71
CA TRP D 235 -60.81 -7.19 22.05
C TRP D 235 -59.32 -6.94 21.76
N TRP D 236 -58.44 -7.52 22.57
CA TRP D 236 -56.98 -7.29 22.44
C TRP D 236 -56.34 -7.93 21.21
N GLU D 237 -57.03 -8.87 20.58
CA GLU D 237 -56.42 -9.63 19.49
C GLU D 237 -56.06 -8.77 18.29
N GLN D 238 -56.72 -7.63 18.12
CA GLN D 238 -56.37 -6.73 17.03
C GLN D 238 -55.07 -6.05 17.26
N PHE D 239 -54.64 -5.95 18.52
CA PHE D 239 -53.39 -5.25 18.90
C PHE D 239 -52.18 -6.18 19.04
N VAL D 240 -52.41 -7.33 19.66
CA VAL D 240 -51.44 -8.43 19.73
C VAL D 240 -52.16 -9.72 19.37
N GLN D 241 -51.53 -10.62 18.66
CA GLN D 241 -52.34 -11.62 17.94
C GLN D 241 -52.89 -12.72 18.86
N ASP D 242 -52.03 -13.36 19.64
CA ASP D 242 -52.46 -14.41 20.58
C ASP D 242 -51.88 -14.16 21.98
N VAL D 243 -52.78 -13.79 22.87
CA VAL D 243 -52.44 -13.74 24.26
C VAL D 243 -53.51 -14.45 25.10
N PRO D 244 -53.15 -15.58 25.72
CA PRO D 244 -54.13 -16.28 26.55
C PRO D 244 -54.64 -15.41 27.69
N VAL D 245 -55.94 -15.53 27.98
CA VAL D 245 -56.55 -14.72 29.04
C VAL D 245 -55.83 -14.94 30.39
N ASP D 246 -55.43 -16.19 30.69
CA ASP D 246 -54.72 -16.51 31.96
C ASP D 246 -53.35 -15.82 32.12
N VAL D 247 -52.73 -15.42 31.00
CA VAL D 247 -51.54 -14.57 31.03
C VAL D 247 -51.89 -13.16 31.49
N LEU D 248 -52.99 -12.62 30.98
CA LEU D 248 -53.43 -11.29 31.39
C LEU D 248 -53.89 -11.32 32.85
N GLU D 249 -54.66 -12.33 33.23
CA GLU D 249 -55.03 -12.52 34.62
C GLU D 249 -53.76 -12.54 35.48
N ASP D 250 -52.76 -13.28 35.03
CA ASP D 250 -51.55 -13.41 35.80
C ASP D 250 -50.85 -12.08 36.00
N ILE D 251 -50.78 -11.29 34.93
CA ILE D 251 -50.18 -9.97 35.01
C ILE D 251 -51.01 -9.07 35.91
N CYS D 252 -52.33 -9.14 35.77
CA CYS D 252 -53.23 -8.42 36.67
C CYS D 252 -52.97 -8.77 38.13
N HIS D 253 -52.84 -10.05 38.46
CA HIS D 253 -52.62 -10.50 39.85
C HIS D 253 -51.33 -9.92 40.43
N GLN D 254 -50.28 -9.85 39.61
CA GLN D 254 -48.97 -9.39 40.09
C GLN D 254 -48.98 -7.91 40.40
N ILE D 255 -49.66 -7.14 39.55
CA ILE D 255 -49.80 -5.71 39.76
C ILE D 255 -50.65 -5.46 40.98
N LEU D 256 -51.81 -6.09 41.06
CA LEU D 256 -52.65 -5.93 42.24
C LEU D 256 -51.96 -6.29 43.54
N ASP D 257 -51.02 -7.23 43.53
CA ASP D 257 -50.33 -7.61 44.77
C ASP D 257 -49.61 -6.43 45.42
N LEU D 258 -49.23 -5.45 44.61
CA LEU D 258 -48.60 -4.25 45.12
C LEU D 258 -49.49 -3.40 46.05
N TYR D 259 -50.81 -3.52 45.92
CA TYR D 259 -51.75 -2.68 46.68
C TYR D 259 -52.32 -3.37 47.91
N SER D 260 -51.93 -4.63 48.14
CA SER D 260 -52.51 -5.46 49.20
C SER D 260 -52.42 -4.84 50.61
MG MG E . 21.72 -1.40 -1.81
C5 8M1 F . 11.31 2.91 -1.00
C7 8M1 F . 12.34 1.99 -1.68
C8 8M1 F . 12.11 1.95 -3.21
C17 8M1 F . 14.68 2.36 -8.12
C20 8M1 F . 17.40 2.38 -7.51
C21 8M1 F . 16.51 2.77 -6.56
C22 8M1 F . 15.12 2.77 -6.82
C24 8M1 F . 12.50 4.07 0.92
C26 8M1 F . 13.03 6.31 1.67
C28 8M1 F . 14.77 4.61 1.50
C1 8M1 F . 11.13 2.41 2.87
C2 8M1 F . 10.93 2.28 1.38
O3 8M1 F . 10.13 1.43 1.01
N4 8M1 F . 11.58 3.08 0.46
C9 8M1 F . 12.13 3.37 -3.79
C11 8M1 F . 10.99 4.17 -3.15
C12 8M1 F . 11.28 4.29 -1.65
N13 8M1 F . 11.94 3.43 -5.26
C14 8M1 F . 12.90 3.08 -6.19
N15 8M1 F . 12.47 2.70 -7.41
C16 8M1 F . 13.30 2.35 -8.39
C18 8M1 F . 15.62 1.98 -9.10
C19 8M1 F . 16.96 1.99 -8.79
N23 8M1 F . 14.20 3.12 -5.89
C25 8M1 F . 12.10 5.38 1.23
C27 8M1 F . 14.37 5.93 1.82
C29 8M1 F . 13.85 3.70 1.06
C30 8M1 F . 15.42 6.86 2.29
C31 8M1 F . 15.28 8.24 2.63
N32 8M1 F . 16.47 8.67 3.00
N33 8M1 F . 17.39 7.61 2.92
C34 8M1 F . 18.81 7.64 3.24
C35 8M1 F . 16.73 6.51 2.49
MG MG G . 35.13 -7.36 -25.44
MG MG H . -13.08 8.84 10.07
C5 8M1 I . -6.35 1.85 5.73
C7 8M1 I . -7.70 2.41 6.26
C8 8M1 I . -8.78 1.34 6.47
C17 8M1 I . -12.89 -0.71 9.55
C20 8M1 I . -13.58 1.41 11.25
C21 8M1 I . -12.35 1.42 10.66
C22 8M1 I . -11.95 0.37 9.79
C24 8M1 I . -4.70 3.54 6.73
C26 8M1 I . -2.83 3.78 8.27
C28 8M1 I . -4.77 5.20 8.51
C1 8M1 I . -4.24 4.67 4.06
C2 8M1 I . -5.18 3.52 4.36
O3 8M1 I . -5.79 3.03 3.43
N4 8M1 I . -5.36 2.98 5.60
C9 8M1 I . -8.21 0.29 7.42
C11 8M1 I . -6.98 -0.34 6.74
C12 8M1 I . -5.85 0.69 6.59
N13 8M1 I . -9.19 -0.78 7.72
C14 8M1 I . -10.43 -0.68 8.37
N15 8M1 I . -11.29 -1.70 8.14
C16 8M1 I . -12.49 -1.76 8.69
C18 8M1 I . -14.16 -0.69 10.16
C19 8M1 I . -14.49 0.35 11.00
N23 8M1 I . -10.73 0.34 9.18
C25 8M1 I . -3.42 3.16 7.18
C27 8M1 I . -3.49 4.81 8.95
C29 8M1 I . -5.34 4.58 7.41
C30 8M1 I . -2.94 5.50 10.16
C31 8M1 I . -2.05 4.96 11.12
N32 8M1 I . -1.84 5.87 12.05
N33 8M1 I . -2.57 7.02 11.74
C34 8M1 I . -2.61 8.25 12.52
C35 8M1 I . -3.25 6.77 10.60
#